data_7CHF
#
_entry.id   7CHF
#
_cell.length_a   99.846
_cell.length_b   116.223
_cell.length_c   115.766
_cell.angle_alpha   90.000
_cell.angle_beta   90.000
_cell.angle_gamma   90.000
#
_symmetry.space_group_name_H-M   'P 21 21 21'
#
loop_
_entity.id
_entity.type
_entity.pdbx_description
1 polymer 'BD-604 Fab heavy chain'
2 polymer 'BD-604 Fab light chain'
3 polymer 'Spike protein S1'
4 polymer 'BD-368-2 Fab heavy chain'
5 polymer 'BD-368-2 Fab light chain'
#
loop_
_entity_poly.entity_id
_entity_poly.type
_entity_poly.pdbx_seq_one_letter_code
_entity_poly.pdbx_strand_id
1 'polypeptide(L)'
;EVQLVESGGGLIQPGGSLRLSCAASGIIVSSNYMTWVRQAPGKGLEWVSVIYSGGSTFYADSVKGRFTISRDNSKNTLYL
QMSSLRAEDTAVYYCARDLGPYGMDVWGQGTTVTVSSASTKGPSVFPLAPSSKSTSGGTAALGCLVKDYFPEPVTVSWNS
GALTSGVHTFPAVLQSSGLYSLSSVVTVPSSSLGTQTYICNVNHKPSNTKVDKKVEPKSCDK
;
H
2 'polypeptide(L)'
;DIQLTQSPSFLSASVGDRVTITCRASQGISSDLAWYQQKPGKAPNLLIYAASTLQSGVPSRFSGSGSGTEFTLTISSLQP
EDFATYYCQQLNSDLYTFGQGTKLEIKRTVAAPSVFIFPPSDEQLKSGTASVVCLLNNFYPREAKVQWKVDNALQSGNSQ
ESVTEQDSKDSTYSLSSTLTLSKADYEKHKVYACEVTHQGLSSPVTKSFNRGEC
;
L
3 'polypeptide(L)'
;RVQPTESIVRFPNITNLCPFGEVFNATRFASVYAWNRKRISNCVADYSVLYNSASFSTFKCYGVSPTKLNDLCFTNVYAD
SFVIRGDEVRQIAPGQTGKIADYNYKLPDDFTGCVIAWNSNNLDSKVGGNYNYLYRLFRKSNLKPFERDISTEIYQAGST
PCNGVEGFNCYFPLQSYGFQPTNGVGYQPYRVVVLSFELLHAPATVCGPKKSTNLVKNKCVNF
;
R
4 'polypeptide(L)'
;EVQLLESGGGVVQPGGSLRLSCAASGFAFTTYAMNWVRQAPGRGLEWVSAISDGGGSAYYADSVKGRFTISRDNSKNTLY
LQMNSLRAEDTAVYYCAKTRGRGLYDYVWGSKDYWGQGTLVTVSSASTKGPSVFPLAPSSKSTSGGTAALGCLVKDYFPE
PVTVSWNSGALTSGVHTFPAVLQSSGLYSLSSVVTVPSSSLGTQTYICNVNHKPSNTKVDKKVEPKSCDK
;
A
5 'polypeptide(L)'
;DIVMTQSPLSLPVTPGEPASISCRSSQSLLHSNGYNYLDWYLQKPGQSPQLLIYLGSNRASGVPDRFSGSGSGTDFTLKI
SRVEAEDVGVYYCMQALQTPGTFGQGTRLEIKRTVAAPSVFIFPPSDEQLKSGTASVVCLLNNFYPREAKVQWKVDNALQ
SGNSQESVTEQDSKDSTYSLSSTLTLSKADYEKHKVYACEVTHQGLSSPVTKSFNRGEC
;
B
#
# COMPACT_ATOMS: atom_id res chain seq x y z
N GLU A 1 4.95 1.90 -23.70
CA GLU A 1 3.51 2.12 -23.83
C GLU A 1 3.14 3.53 -23.34
N VAL A 2 3.19 3.74 -22.02
CA VAL A 2 2.89 5.02 -21.38
C VAL A 2 4.19 5.64 -20.89
N GLN A 3 4.54 6.81 -21.42
CA GLN A 3 5.78 7.45 -21.02
C GLN A 3 5.70 8.96 -21.28
N LEU A 4 6.41 9.71 -20.45
CA LEU A 4 6.65 11.13 -20.67
C LEU A 4 8.13 11.31 -20.98
N VAL A 5 8.42 12.00 -22.07
CA VAL A 5 9.79 12.18 -22.54
C VAL A 5 10.02 13.67 -22.66
N GLU A 6 10.93 14.20 -21.84
CA GLU A 6 11.19 15.63 -21.81
C GLU A 6 12.47 15.96 -22.55
N SER A 7 12.66 17.25 -22.78
CA SER A 7 13.83 17.79 -23.47
C SER A 7 13.78 19.30 -23.31
N GLY A 8 14.85 19.96 -23.74
CA GLY A 8 14.86 21.41 -23.83
C GLY A 8 15.73 22.11 -22.81
N GLY A 9 16.16 21.42 -21.76
CA GLY A 9 17.02 22.04 -20.78
C GLY A 9 18.48 22.11 -21.20
N GLY A 10 19.18 23.06 -20.61
CA GLY A 10 20.61 23.19 -20.79
C GLY A 10 21.10 24.44 -20.09
N LEU A 11 22.28 24.90 -20.52
CA LEU A 11 22.87 26.14 -20.04
C LEU A 11 22.10 27.37 -20.57
N ILE A 12 21.83 28.34 -19.70
CA ILE A 12 21.12 29.56 -20.10
C ILE A 12 21.57 30.72 -19.23
N GLN A 13 21.81 31.86 -19.88
CA GLN A 13 22.24 33.09 -19.23
C GLN A 13 21.13 33.65 -18.32
N PRO A 14 21.47 34.19 -17.17
CA PRO A 14 20.44 34.75 -16.28
C PRO A 14 19.64 35.87 -16.96
N GLY A 15 18.40 36.05 -16.49
CA GLY A 15 17.47 36.96 -17.13
C GLY A 15 17.00 36.52 -18.50
N GLY A 16 17.57 35.44 -19.05
CA GLY A 16 17.16 34.89 -20.32
C GLY A 16 15.98 33.95 -20.20
N SER A 17 15.69 33.24 -21.30
CA SER A 17 14.47 32.45 -21.39
C SER A 17 14.74 31.13 -22.09
N LEU A 18 13.91 30.15 -21.75
CA LEU A 18 14.09 28.76 -22.15
C LEU A 18 12.75 28.04 -22.09
N ARG A 19 12.53 27.08 -22.99
CA ARG A 19 11.28 26.35 -23.07
C ARG A 19 11.52 24.85 -23.05
N LEU A 20 10.88 24.16 -22.11
CA LEU A 20 10.97 22.71 -21.99
C LEU A 20 9.77 22.02 -22.61
N SER A 21 10.02 20.88 -23.26
CA SER A 21 8.98 20.03 -23.83
C SER A 21 8.84 18.74 -23.04
N CYS A 22 7.64 18.18 -23.08
CA CYS A 22 7.29 16.92 -22.42
C CYS A 22 6.38 16.23 -23.42
N ALA A 23 6.93 15.35 -24.24
CA ALA A 23 6.12 14.59 -25.17
C ALA A 23 5.52 13.40 -24.45
N ALA A 24 4.21 13.21 -24.61
CA ALA A 24 3.52 12.07 -24.00
C ALA A 24 3.06 11.10 -25.06
N SER A 25 3.03 9.82 -24.69
CA SER A 25 2.37 8.79 -25.48
C SER A 25 1.52 7.93 -24.54
N GLY A 26 0.37 7.50 -25.02
CA GLY A 26 -0.51 6.68 -24.19
C GLY A 26 -1.42 7.53 -23.35
N ILE A 27 -0.84 8.40 -22.55
CA ILE A 27 -1.54 9.47 -21.83
C ILE A 27 -1.90 10.57 -22.82
N ILE A 28 -3.10 11.12 -22.73
CA ILE A 28 -3.47 12.29 -23.52
C ILE A 28 -3.29 13.53 -22.65
N VAL A 29 -2.38 14.42 -23.06
CA VAL A 29 -1.99 15.53 -22.21
C VAL A 29 -3.16 16.47 -21.93
N SER A 30 -3.98 16.75 -22.96
CA SER A 30 -5.10 17.67 -22.80
C SER A 30 -6.22 17.10 -21.93
N SER A 31 -6.15 15.83 -21.57
CA SER A 31 -7.21 15.23 -20.79
C SER A 31 -6.80 14.96 -19.35
N ASN A 32 -5.67 15.49 -18.92
CA ASN A 32 -5.12 15.21 -17.61
C ASN A 32 -4.69 16.48 -16.90
N TYR A 33 -4.63 16.41 -15.57
CA TYR A 33 -3.84 17.32 -14.76
C TYR A 33 -2.36 17.06 -15.01
N MET A 34 -1.68 17.93 -15.74
CA MET A 34 -0.24 17.83 -15.91
C MET A 34 0.43 18.88 -15.03
N THR A 35 1.46 18.46 -14.29
CA THR A 35 2.21 19.35 -13.43
C THR A 35 3.64 19.42 -13.90
N TRP A 36 4.34 20.44 -13.44
CA TRP A 36 5.79 20.48 -13.53
C TRP A 36 6.32 20.49 -12.12
N VAL A 37 7.33 19.69 -11.86
CA VAL A 37 7.94 19.66 -10.55
C VAL A 37 9.44 19.76 -10.76
N ARG A 38 10.11 20.44 -9.83
CA ARG A 38 11.54 20.62 -9.97
C ARG A 38 12.25 20.25 -8.67
N GLN A 39 13.49 19.87 -8.85
CA GLN A 39 14.36 19.48 -7.74
C GLN A 39 15.71 20.15 -7.88
N ALA A 40 16.02 21.04 -6.95
CA ALA A 40 17.33 21.71 -6.99
C ALA A 40 18.41 20.79 -6.45
N PRO A 41 19.64 20.90 -6.95
CA PRO A 41 20.73 20.07 -6.50
C PRO A 41 20.76 19.90 -4.98
N GLY A 42 20.66 18.66 -4.51
CA GLY A 42 20.69 18.27 -3.09
C GLY A 42 19.48 18.66 -2.29
N LYS A 43 18.41 19.07 -2.95
CA LYS A 43 17.25 19.52 -2.17
C LYS A 43 16.02 18.68 -2.47
N GLY A 44 14.89 19.09 -1.94
CA GLY A 44 13.68 18.32 -2.09
C GLY A 44 12.91 18.66 -3.36
N LEU A 45 11.68 18.15 -3.41
CA LEU A 45 10.81 18.30 -4.57
C LEU A 45 9.88 19.51 -4.39
N GLU A 46 9.89 20.42 -5.36
CA GLU A 46 9.09 21.66 -5.35
C GLU A 46 8.15 21.69 -6.56
N TRP A 47 6.86 21.81 -6.30
CA TRP A 47 5.90 21.93 -7.38
C TRP A 47 6.02 23.29 -8.07
N VAL A 48 5.92 23.29 -9.40
CA VAL A 48 6.11 24.51 -10.17
C VAL A 48 4.77 24.99 -10.71
N SER A 49 4.09 24.14 -11.47
CA SER A 49 3.00 24.56 -12.31
C SER A 49 2.05 23.38 -12.54
N VAL A 50 0.78 23.70 -12.80
CA VAL A 50 -0.20 22.68 -13.17
C VAL A 50 -1.14 23.26 -14.22
N ILE A 51 -1.62 22.40 -15.11
CA ILE A 51 -2.63 22.76 -16.09
C ILE A 51 -3.75 21.72 -16.06
N TYR A 52 -4.97 22.19 -15.80
CA TYR A 52 -6.13 21.32 -15.77
C TYR A 52 -6.52 20.92 -17.20
N SER A 53 -7.22 19.79 -17.31
CA SER A 53 -7.72 19.40 -18.63
C SER A 53 -8.64 20.48 -19.22
N GLY A 54 -9.49 21.09 -18.39
CA GLY A 54 -10.38 22.13 -18.88
C GLY A 54 -9.75 23.46 -19.22
N GLY A 55 -8.47 23.68 -18.90
CA GLY A 55 -7.77 24.89 -19.29
C GLY A 55 -7.04 25.59 -18.16
N SER A 56 -7.61 25.59 -16.95
CA SER A 56 -7.06 26.42 -15.86
C SER A 56 -5.60 26.11 -15.61
N THR A 57 -4.87 27.11 -15.12
CA THR A 57 -3.44 27.02 -14.87
C THR A 57 -3.14 27.64 -13.51
N PHE A 58 -2.19 27.05 -12.79
CA PHE A 58 -1.81 27.51 -11.48
C PHE A 58 -0.30 27.41 -11.36
N TYR A 59 0.27 28.29 -10.52
CA TYR A 59 1.71 28.42 -10.38
C TYR A 59 2.06 28.60 -8.91
N ALA A 60 3.27 28.17 -8.55
CA ALA A 60 3.85 28.52 -7.26
C ALA A 60 4.26 29.99 -7.28
N ASP A 61 4.21 30.63 -6.10
CA ASP A 61 4.47 32.07 -6.01
C ASP A 61 5.86 32.45 -6.51
N SER A 62 6.86 31.60 -6.25
CA SER A 62 8.25 31.81 -6.67
C SER A 62 8.41 31.84 -8.17
N VAL A 63 7.34 31.56 -8.90
CA VAL A 63 7.42 31.36 -10.35
C VAL A 63 6.40 32.20 -11.10
N LYS A 64 5.35 32.70 -10.44
CA LYS A 64 4.33 33.54 -11.07
C LYS A 64 4.96 34.68 -11.85
N GLY A 65 4.44 34.93 -13.05
CA GLY A 65 4.87 36.07 -13.85
C GLY A 65 6.14 35.85 -14.65
N ARG A 66 6.80 34.70 -14.51
CA ARG A 66 7.93 34.37 -15.37
C ARG A 66 7.76 33.07 -16.12
N PHE A 67 6.98 32.13 -15.59
CA PHE A 67 6.80 30.84 -16.24
C PHE A 67 5.39 30.78 -16.81
N THR A 68 5.27 30.13 -17.97
CA THR A 68 3.98 29.86 -18.58
C THR A 68 3.90 28.39 -18.97
N ILE A 69 2.84 27.72 -18.51
CA ILE A 69 2.56 26.33 -18.86
C ILE A 69 1.54 26.31 -19.98
N SER A 70 1.68 25.37 -20.91
CA SER A 70 0.76 25.23 -22.05
C SER A 70 0.95 23.84 -22.69
N ARG A 71 0.17 23.57 -23.73
CA ARG A 71 0.25 22.27 -24.38
C ARG A 71 -0.15 22.40 -25.84
N ASP A 72 0.38 21.50 -26.65
CA ASP A 72 0.00 21.35 -28.06
C ASP A 72 -0.71 19.99 -28.15
N ASN A 73 -2.03 19.97 -28.30
CA ASN A 73 -2.77 18.68 -28.34
C ASN A 73 -2.42 17.89 -29.60
N SER A 74 -2.12 18.57 -30.68
CA SER A 74 -1.79 17.91 -31.96
C SER A 74 -0.49 17.11 -31.85
N LYS A 75 0.39 17.48 -30.94
CA LYS A 75 1.59 16.67 -30.72
C LYS A 75 1.61 16.02 -29.35
N ASN A 76 0.54 16.18 -28.57
CA ASN A 76 0.42 15.57 -27.25
C ASN A 76 1.62 15.95 -26.37
N THR A 77 1.91 17.24 -26.33
CA THR A 77 3.13 17.71 -25.68
C THR A 77 2.74 18.77 -24.65
N LEU A 78 3.46 18.75 -23.54
CA LEU A 78 3.37 19.77 -22.51
C LEU A 78 4.61 20.67 -22.61
N TYR A 79 4.43 21.95 -22.35
CA TYR A 79 5.50 22.93 -22.40
C TYR A 79 5.60 23.70 -21.09
N LEU A 80 6.82 24.10 -20.74
CA LEU A 80 7.03 25.09 -19.69
C LEU A 80 7.86 26.20 -20.32
N GLN A 81 7.24 27.35 -20.52
CA GLN A 81 7.96 28.55 -20.91
C GLN A 81 8.55 29.19 -19.67
N MET A 82 9.87 29.32 -19.63
CA MET A 82 10.55 29.98 -18.53
C MET A 82 11.20 31.24 -19.07
N SER A 83 10.85 32.37 -18.50
CA SER A 83 11.48 33.64 -18.83
C SER A 83 12.11 34.24 -17.58
N SER A 84 13.02 35.19 -17.81
CA SER A 84 13.60 36.02 -16.76
C SER A 84 14.21 35.14 -15.65
N LEU A 85 15.12 34.26 -16.08
CA LEU A 85 15.59 33.19 -15.22
C LEU A 85 16.50 33.71 -14.11
N ARG A 86 16.46 33.03 -12.97
CA ARG A 86 17.30 33.34 -11.82
C ARG A 86 18.17 32.14 -11.51
N ALA A 87 19.11 32.34 -10.59
CA ALA A 87 20.04 31.29 -10.19
C ALA A 87 19.37 30.25 -9.29
N GLU A 88 18.24 30.57 -8.68
CA GLU A 88 17.49 29.57 -7.93
C GLU A 88 16.46 28.84 -8.78
N ASP A 89 16.44 29.08 -10.10
CA ASP A 89 15.74 28.23 -11.05
C ASP A 89 16.63 27.14 -11.64
N THR A 90 17.88 27.02 -11.20
CA THR A 90 18.70 25.88 -11.60
C THR A 90 18.17 24.62 -10.92
N ALA A 91 17.81 23.61 -11.72
CA ALA A 91 17.24 22.39 -11.15
C ALA A 91 17.02 21.38 -12.27
N VAL A 92 16.80 20.14 -11.85
CA VAL A 92 16.17 19.15 -12.71
C VAL A 92 14.67 19.39 -12.68
N TYR A 93 14.06 19.52 -13.86
CA TYR A 93 12.61 19.69 -13.96
C TYR A 93 11.95 18.40 -14.42
N TYR A 94 10.90 17.99 -13.71
CA TYR A 94 10.09 16.83 -14.03
C TYR A 94 8.70 17.27 -14.42
N CYS A 95 8.15 16.63 -15.47
CA CYS A 95 6.71 16.63 -15.70
C CYS A 95 6.11 15.36 -15.11
N ALA A 96 4.85 15.45 -14.72
CA ALA A 96 4.23 14.31 -14.06
C ALA A 96 2.71 14.43 -14.19
N ARG A 97 2.06 13.31 -14.47
CA ARG A 97 0.60 13.27 -14.51
C ARG A 97 0.07 13.11 -13.09
N ASP A 98 -0.76 14.04 -12.66
CA ASP A 98 -1.36 14.05 -11.33
C ASP A 98 -2.75 13.42 -11.38
N LEU A 99 -3.08 12.59 -10.41
CA LEU A 99 -4.38 11.89 -10.38
C LEU A 99 -5.16 12.14 -9.09
N GLY A 100 -4.96 13.24 -8.39
CA GLY A 100 -5.71 13.52 -7.15
C GLY A 100 -5.49 12.55 -6.01
N PRO A 101 -6.49 11.76 -5.62
CA PRO A 101 -6.39 10.78 -4.55
C PRO A 101 -5.40 9.62 -4.77
N TYR A 102 -5.25 9.20 -6.01
CA TYR A 102 -4.11 8.38 -6.50
C TYR A 102 -2.99 9.39 -6.73
N GLY A 103 -1.71 9.16 -6.56
CA GLY A 103 -0.80 10.32 -6.63
C GLY A 103 -0.31 10.75 -7.99
N MET A 104 0.94 11.14 -8.04
CA MET A 104 1.52 11.42 -9.34
C MET A 104 2.10 10.08 -9.75
N ASP A 105 1.55 9.45 -10.75
CA ASP A 105 1.97 8.07 -11.04
C ASP A 105 2.96 7.95 -12.19
N VAL A 106 2.96 8.87 -13.14
CA VAL A 106 3.85 8.81 -14.29
C VAL A 106 4.74 10.05 -14.31
N TRP A 107 6.06 9.83 -14.40
CA TRP A 107 7.04 10.91 -14.41
C TRP A 107 7.94 10.79 -15.63
N GLY A 108 8.35 11.94 -16.17
CA GLY A 108 9.42 11.95 -17.14
C GLY A 108 10.77 11.62 -16.51
N GLN A 109 11.78 11.50 -17.35
CA GLN A 109 13.11 11.22 -16.84
C GLN A 109 13.83 12.47 -16.34
N GLY A 110 13.26 13.66 -16.58
CA GLY A 110 13.77 14.94 -16.10
C GLY A 110 14.73 15.59 -17.07
N THR A 111 14.74 16.91 -17.05
CA THR A 111 15.70 17.67 -17.86
C THR A 111 16.32 18.76 -16.98
N THR A 112 17.61 19.03 -17.20
CA THR A 112 18.41 19.85 -16.28
C THR A 112 18.56 21.27 -16.83
N VAL A 113 18.08 22.26 -16.09
CA VAL A 113 18.24 23.67 -16.44
C VAL A 113 19.30 24.28 -15.54
N THR A 114 20.38 24.79 -16.15
CA THR A 114 21.49 25.39 -15.42
C THR A 114 21.57 26.87 -15.80
N VAL A 115 21.25 27.76 -14.86
CA VAL A 115 21.30 29.20 -15.07
C VAL A 115 22.64 29.72 -14.57
N SER A 116 23.46 30.24 -15.49
CA SER A 116 24.81 30.65 -15.14
C SER A 116 25.33 31.62 -16.19
N SER A 117 26.33 32.41 -15.78
CA SER A 117 27.06 33.32 -16.66
C SER A 117 28.13 32.60 -17.48
N ALA A 118 28.57 31.42 -17.04
CA ALA A 118 29.83 30.83 -17.48
C ALA A 118 29.71 30.23 -18.88
N SER A 119 30.87 29.99 -19.47
CA SER A 119 30.97 29.59 -20.87
C SER A 119 31.13 28.08 -20.96
N THR A 120 30.48 27.49 -21.96
CA THR A 120 30.64 26.07 -22.20
C THR A 120 32.10 25.74 -22.48
N LYS A 121 32.63 24.78 -21.74
CA LYS A 121 33.99 24.27 -21.95
C LYS A 121 33.89 22.76 -22.07
N GLY A 122 34.52 22.20 -23.09
CA GLY A 122 34.55 20.78 -23.29
C GLY A 122 35.75 20.17 -22.57
N PRO A 123 35.63 18.91 -22.16
CA PRO A 123 36.65 18.33 -21.29
C PRO A 123 37.90 17.91 -22.05
N SER A 124 38.99 17.82 -21.29
CA SER A 124 40.17 17.07 -21.68
C SER A 124 40.12 15.74 -20.93
N VAL A 125 40.52 14.66 -21.61
CA VAL A 125 40.25 13.31 -21.13
C VAL A 125 41.57 12.55 -21.16
N PHE A 126 42.31 12.61 -20.06
CA PHE A 126 43.57 11.91 -19.92
C PHE A 126 43.37 10.55 -19.27
N PRO A 127 44.27 9.60 -19.51
CA PRO A 127 44.09 8.23 -19.01
C PRO A 127 44.74 7.94 -17.67
N LEU A 128 44.16 6.98 -16.96
CA LEU A 128 44.73 6.42 -15.73
C LEU A 128 45.19 5.00 -16.04
N ALA A 129 46.49 4.86 -16.32
CA ALA A 129 47.07 3.58 -16.71
C ALA A 129 47.10 2.62 -15.52
N PRO A 130 47.04 1.30 -15.76
CA PRO A 130 47.37 0.32 -14.72
C PRO A 130 48.71 0.61 -14.03
N GLY A 138 45.40 -12.08 -10.24
CA GLY A 138 45.41 -10.72 -9.72
C GLY A 138 44.41 -9.77 -10.38
N THR A 139 44.03 -8.72 -9.67
CA THR A 139 43.13 -7.71 -10.20
C THR A 139 43.88 -6.39 -10.42
N ALA A 140 43.58 -5.72 -11.54
CA ALA A 140 44.14 -4.41 -11.83
C ALA A 140 43.03 -3.40 -12.07
N ALA A 141 43.34 -2.13 -11.84
CA ALA A 141 42.40 -1.04 -12.02
C ALA A 141 42.92 -0.09 -13.11
N LEU A 142 42.01 0.39 -13.95
CA LEU A 142 42.34 1.38 -14.95
C LEU A 142 41.14 2.30 -15.12
N GLY A 143 41.36 3.45 -15.73
CA GLY A 143 40.31 4.44 -15.63
C GLY A 143 40.54 5.62 -16.53
N CYS A 144 39.55 6.52 -16.49
CA CYS A 144 39.43 7.64 -17.40
C CYS A 144 39.16 8.89 -16.57
N LEU A 145 40.01 9.89 -16.70
CA LEU A 145 39.91 11.16 -16.00
C LEU A 145 39.35 12.21 -16.94
N VAL A 146 38.19 12.77 -16.63
CA VAL A 146 37.51 13.75 -17.50
C VAL A 146 37.67 15.11 -16.86
N LYS A 147 38.64 15.87 -17.29
CA LYS A 147 38.93 17.12 -16.58
C LYS A 147 38.40 18.36 -17.27
N ASP A 148 38.07 19.32 -16.42
CA ASP A 148 37.66 20.72 -16.68
C ASP A 148 36.58 20.98 -17.71
N TYR A 149 35.36 20.56 -17.45
CA TYR A 149 34.28 20.88 -18.40
C TYR A 149 33.18 21.69 -17.73
N PHE A 150 32.26 22.19 -18.55
CA PHE A 150 31.11 22.94 -18.08
C PHE A 150 30.09 23.07 -19.21
N PRO A 151 28.79 22.93 -18.90
CA PRO A 151 28.32 22.49 -17.58
C PRO A 151 28.24 20.95 -17.51
N GLU A 152 27.47 20.42 -16.56
CA GLU A 152 27.15 19.00 -16.52
C GLU A 152 26.03 18.69 -17.52
N PRO A 153 25.83 17.41 -17.88
CA PRO A 153 26.59 16.22 -17.48
C PRO A 153 27.46 15.62 -18.58
N VAL A 154 28.58 15.08 -18.17
CA VAL A 154 29.38 14.19 -18.99
C VAL A 154 28.88 12.76 -18.76
N THR A 155 28.82 11.97 -19.84
CA THR A 155 28.53 10.55 -19.73
C THR A 155 29.80 9.77 -20.03
N VAL A 156 30.00 8.67 -19.34
CA VAL A 156 31.16 7.81 -19.55
C VAL A 156 30.69 6.37 -19.69
N SER A 157 31.02 5.76 -20.81
CA SER A 157 30.90 4.32 -21.02
C SER A 157 32.29 3.75 -21.32
N TRP A 158 32.35 2.44 -21.53
CA TRP A 158 33.62 1.74 -21.65
C TRP A 158 33.47 0.66 -22.72
N ASN A 159 34.12 0.86 -23.88
CA ASN A 159 33.94 -0.02 -25.05
C ASN A 159 32.49 0.03 -25.56
N SER A 160 31.90 1.23 -25.54
CA SER A 160 30.54 1.46 -26.03
C SER A 160 29.54 0.48 -25.42
N GLY A 161 29.66 0.27 -24.10
CA GLY A 161 28.77 -0.61 -23.37
C GLY A 161 29.21 -2.06 -23.28
N ALA A 162 30.20 -2.48 -24.07
CA ALA A 162 30.66 -3.86 -24.05
C ALA A 162 31.31 -4.24 -22.72
N LEU A 163 31.65 -3.24 -21.91
CA LEU A 163 32.23 -3.44 -20.58
C LEU A 163 31.40 -2.60 -19.60
N THR A 164 30.72 -3.26 -18.67
CA THR A 164 30.01 -2.56 -17.60
C THR A 164 30.27 -3.15 -16.22
N SER A 165 31.07 -4.21 -16.11
CA SER A 165 31.26 -4.88 -14.84
C SER A 165 32.56 -4.40 -14.19
N GLY A 166 32.50 -4.18 -12.87
CA GLY A 166 33.55 -3.47 -12.18
C GLY A 166 33.63 -1.98 -12.49
N VAL A 167 32.73 -1.42 -13.30
CA VAL A 167 32.79 -0.01 -13.68
C VAL A 167 32.33 0.84 -12.50
N HIS A 168 33.10 1.89 -12.21
CA HIS A 168 32.74 2.89 -11.22
C HIS A 168 32.95 4.26 -11.85
N THR A 169 31.90 5.07 -11.92
CA THR A 169 32.03 6.41 -12.46
C THR A 169 31.62 7.38 -11.36
N PHE A 170 32.60 8.08 -10.80
CA PHE A 170 32.36 8.93 -9.64
C PHE A 170 31.59 10.18 -10.05
N PRO A 171 30.83 10.77 -9.14
CA PRO A 171 30.14 12.02 -9.46
C PRO A 171 31.13 13.19 -9.55
N ALA A 172 30.80 14.14 -10.41
CA ALA A 172 31.68 15.25 -10.70
C ALA A 172 31.84 16.18 -9.48
N VAL A 173 33.08 16.55 -9.17
CA VAL A 173 33.37 17.54 -8.15
C VAL A 173 33.63 18.91 -8.80
N LEU A 174 33.16 19.97 -8.17
CA LEU A 174 33.42 21.32 -8.63
C LEU A 174 34.78 21.80 -8.14
N GLN A 175 35.59 22.33 -9.05
CA GLN A 175 36.91 22.80 -8.69
C GLN A 175 36.90 24.31 -8.43
N SER A 176 38.04 24.80 -7.92
CA SER A 176 38.18 26.23 -7.63
C SER A 176 38.01 27.08 -8.89
N SER A 177 38.50 26.59 -10.03
CA SER A 177 38.30 27.31 -11.29
C SER A 177 36.83 27.49 -11.65
N GLY A 178 35.93 26.69 -11.06
CA GLY A 178 34.54 26.71 -11.45
C GLY A 178 34.18 25.78 -12.58
N LEU A 179 35.10 24.88 -12.96
CA LEU A 179 34.85 23.80 -13.89
C LEU A 179 34.69 22.49 -13.13
N TYR A 180 34.13 21.48 -13.80
CA TYR A 180 33.92 20.18 -13.19
C TYR A 180 35.02 19.21 -13.62
N SER A 181 35.23 18.18 -12.81
CA SER A 181 36.09 17.06 -13.15
C SER A 181 35.56 15.81 -12.48
N LEU A 182 35.62 14.69 -13.21
CA LEU A 182 35.32 13.38 -12.64
C LEU A 182 36.34 12.38 -13.19
N SER A 183 36.27 11.17 -12.66
CA SER A 183 37.06 10.07 -13.16
C SER A 183 36.18 8.84 -13.19
N SER A 184 36.35 8.04 -14.23
CA SER A 184 35.70 6.75 -14.37
C SER A 184 36.77 5.68 -14.26
N VAL A 185 36.51 4.66 -13.47
CA VAL A 185 37.50 3.63 -13.20
C VAL A 185 36.83 2.28 -13.37
N VAL A 186 37.64 1.26 -13.69
CA VAL A 186 37.12 -0.09 -13.82
C VAL A 186 38.18 -1.04 -13.31
N THR A 187 37.73 -2.16 -12.75
CA THR A 187 38.62 -3.25 -12.34
C THR A 187 38.56 -4.34 -13.38
N VAL A 188 39.73 -4.92 -13.68
CA VAL A 188 39.86 -5.97 -14.67
C VAL A 188 40.87 -6.99 -14.17
N PRO A 189 40.78 -8.23 -14.64
CA PRO A 189 41.88 -9.18 -14.39
C PRO A 189 43.17 -8.65 -15.00
N SER A 190 44.30 -8.95 -14.34
CA SER A 190 45.59 -8.42 -14.77
C SER A 190 46.02 -8.95 -16.14
N SER A 191 45.58 -10.16 -16.49
CA SER A 191 45.97 -10.77 -17.76
C SER A 191 45.17 -10.22 -18.94
N SER A 192 44.19 -9.35 -18.69
CA SER A 192 43.45 -8.75 -19.78
C SER A 192 44.26 -7.66 -20.51
N LEU A 193 45.26 -7.08 -19.85
CA LEU A 193 45.92 -5.88 -20.36
C LEU A 193 46.50 -6.11 -21.76
N GLY A 194 47.29 -7.17 -21.93
CA GLY A 194 47.91 -7.46 -23.22
C GLY A 194 47.13 -8.41 -24.12
N THR A 195 45.81 -8.52 -23.92
CA THR A 195 44.96 -9.24 -24.86
C THR A 195 43.76 -8.38 -25.25
N GLN A 196 43.11 -7.76 -24.26
CA GLN A 196 41.93 -6.94 -24.49
C GLN A 196 42.34 -5.50 -24.76
N THR A 197 41.39 -4.72 -25.28
CA THR A 197 41.56 -3.28 -25.44
C THR A 197 40.51 -2.54 -24.60
N TYR A 198 40.96 -1.52 -23.87
CA TYR A 198 40.11 -0.77 -22.95
C TYR A 198 39.98 0.68 -23.42
N ILE A 199 38.75 1.08 -23.76
CA ILE A 199 38.46 2.36 -24.39
C ILE A 199 37.28 3.00 -23.66
N CYS A 200 37.51 4.19 -23.09
CA CYS A 200 36.47 4.93 -22.41
C CYS A 200 35.84 5.93 -23.39
N ASN A 201 34.52 6.08 -23.32
CA ASN A 201 33.77 6.86 -24.30
C ASN A 201 33.09 8.01 -23.56
N VAL A 202 33.59 9.23 -23.76
CA VAL A 202 33.11 10.40 -23.04
C VAL A 202 32.28 11.26 -24.00
N ASN A 203 30.99 11.41 -23.71
CA ASN A 203 30.13 12.34 -24.43
C ASN A 203 29.80 13.51 -23.53
N HIS A 204 30.02 14.72 -24.01
CA HIS A 204 29.58 15.92 -23.31
C HIS A 204 28.66 16.67 -24.27
N LYS A 205 27.39 16.26 -24.29
CA LYS A 205 26.41 16.87 -25.18
C LYS A 205 26.43 18.40 -25.19
N PRO A 206 26.55 19.11 -24.05
CA PRO A 206 26.49 20.59 -24.10
C PRO A 206 27.49 21.27 -25.04
N SER A 207 28.73 20.78 -25.14
CA SER A 207 29.70 21.29 -26.11
C SER A 207 29.83 20.37 -27.33
N ASN A 208 28.91 19.41 -27.49
CA ASN A 208 28.88 18.49 -28.63
C ASN A 208 30.24 17.84 -28.86
N THR A 209 30.88 17.44 -27.76
CA THR A 209 32.18 16.80 -27.79
C THR A 209 32.04 15.33 -27.44
N LYS A 210 32.64 14.47 -28.25
CA LYS A 210 32.73 13.05 -27.97
C LYS A 210 34.19 12.66 -28.16
N VAL A 211 34.71 11.86 -27.25
CA VAL A 211 36.12 11.48 -27.25
C VAL A 211 36.22 10.02 -26.82
N ASP A 212 36.96 9.24 -27.60
CA ASP A 212 37.25 7.85 -27.28
C ASP A 212 38.74 7.74 -27.09
N LYS A 213 39.17 7.08 -26.01
CA LYS A 213 40.59 7.09 -25.65
C LYS A 213 41.02 5.71 -25.19
N LYS A 214 42.03 5.16 -25.88
CA LYS A 214 42.55 3.84 -25.53
C LYS A 214 43.48 3.95 -24.33
N VAL A 215 43.44 2.94 -23.45
CA VAL A 215 44.12 2.97 -22.16
C VAL A 215 45.08 1.79 -22.11
N GLU A 216 46.34 2.04 -22.39
CA GLU A 216 47.40 1.05 -22.42
C GLU A 216 48.25 1.14 -21.14
N PRO A 217 48.89 0.04 -20.73
CA PRO A 217 49.86 0.14 -19.62
C PRO A 217 51.02 1.09 -19.95
N ILE B 2 -0.07 23.82 4.87
CA ILE B 2 0.36 22.57 5.52
C ILE B 2 1.84 22.23 5.29
N GLN B 3 2.51 21.79 6.34
CA GLN B 3 3.91 21.39 6.28
C GLN B 3 4.06 19.94 6.72
N LEU B 4 4.89 19.19 5.98
CA LEU B 4 5.09 17.76 6.18
C LEU B 4 6.48 17.51 6.72
N THR B 5 6.59 16.83 7.86
CA THR B 5 7.90 16.55 8.46
C THR B 5 8.17 15.06 8.54
N GLN B 6 9.28 14.61 7.95
CA GLN B 6 9.64 13.19 7.99
C GLN B 6 10.71 12.94 9.02
N SER B 7 10.69 11.72 9.60
CA SER B 7 11.72 11.35 10.56
C SER B 7 11.91 9.84 10.52
N PRO B 8 13.16 9.35 10.67
CA PRO B 8 14.36 10.19 10.74
C PRO B 8 14.65 10.84 9.39
N SER B 9 15.63 11.73 9.32
CA SER B 9 16.02 12.24 8.02
C SER B 9 17.00 11.30 7.33
N PHE B 10 17.81 10.59 8.12
CA PHE B 10 18.74 9.60 7.63
C PHE B 10 18.53 8.38 8.48
N LEU B 11 18.83 7.21 7.92
CA LEU B 11 18.44 5.95 8.51
C LEU B 11 19.23 4.83 7.84
N SER B 12 19.60 3.84 8.64
CA SER B 12 20.49 2.77 8.19
C SER B 12 19.95 1.45 8.73
N ALA B 13 19.90 0.43 7.88
CA ALA B 13 19.35 -0.85 8.28
C ALA B 13 19.95 -1.94 7.38
N SER B 14 19.96 -3.17 7.91
CA SER B 14 20.58 -4.29 7.23
C SER B 14 19.57 -5.01 6.34
N VAL B 15 20.08 -5.76 5.37
CA VAL B 15 19.23 -6.62 4.57
C VAL B 15 18.42 -7.52 5.51
N GLY B 16 17.10 -7.47 5.41
CA GLY B 16 16.23 -8.34 6.18
C GLY B 16 15.54 -7.67 7.35
N ASP B 17 15.99 -6.50 7.77
CA ASP B 17 15.34 -5.78 8.86
C ASP B 17 13.97 -5.23 8.46
N ARG B 18 13.13 -5.04 9.48
CA ARG B 18 11.90 -4.28 9.32
C ARG B 18 12.25 -2.81 9.55
N VAL B 19 11.78 -1.96 8.65
CA VAL B 19 12.13 -0.53 8.66
C VAL B 19 10.84 0.30 8.64
N THR B 20 10.77 1.36 9.45
CA THR B 20 9.59 2.22 9.48
C THR B 20 9.96 3.70 9.47
N ILE B 21 9.39 4.44 8.52
CA ILE B 21 9.55 5.88 8.37
C ILE B 21 8.23 6.52 8.71
N THR B 22 8.26 7.71 9.31
CA THR B 22 7.03 8.43 9.59
C THR B 22 7.03 9.79 8.93
N CYS B 23 5.82 10.30 8.75
CA CYS B 23 5.53 11.61 8.19
C CYS B 23 4.54 12.22 9.16
N ARG B 24 4.88 13.38 9.72
CA ARG B 24 3.95 14.16 10.54
C ARG B 24 3.39 15.30 9.69
N ALA B 25 2.07 15.37 9.61
CA ALA B 25 1.37 16.50 9.03
C ALA B 25 1.00 17.51 10.12
N SER B 26 1.06 18.81 9.79
CA SER B 26 0.86 19.84 10.81
C SER B 26 -0.61 20.18 11.08
N GLN B 27 -1.56 19.85 10.19
CA GLN B 27 -2.94 20.20 10.49
C GLN B 27 -3.90 19.02 10.55
N GLY B 28 -3.65 17.96 9.80
CA GLY B 28 -4.64 16.87 9.80
C GLY B 28 -5.23 16.67 8.42
N ILE B 29 -4.73 15.69 7.68
CA ILE B 29 -5.08 15.54 6.25
C ILE B 29 -5.87 14.28 5.92
N SER B 30 -6.51 13.67 6.89
CA SER B 30 -7.33 12.46 6.70
C SER B 30 -6.48 11.34 6.13
N SER B 31 -6.74 10.86 4.93
CA SER B 31 -5.93 9.77 4.35
C SER B 31 -5.20 10.28 3.12
N ASP B 32 -5.23 11.57 2.85
CA ASP B 32 -4.65 12.14 1.62
C ASP B 32 -3.13 12.25 1.67
N LEU B 33 -2.42 11.12 1.60
CA LEU B 33 -0.96 11.05 1.71
C LEU B 33 -0.39 10.04 0.72
N ALA B 34 0.72 10.37 0.08
CA ALA B 34 1.38 9.41 -0.80
C ALA B 34 2.84 9.23 -0.38
N TRP B 35 3.45 8.12 -0.79
CA TRP B 35 4.87 7.87 -0.55
C TRP B 35 5.60 7.59 -1.87
N TYR B 36 6.75 8.21 -2.08
CA TYR B 36 7.51 8.01 -3.29
C TYR B 36 8.92 7.56 -2.95
N GLN B 37 9.47 6.71 -3.79
CA GLN B 37 10.88 6.34 -3.70
C GLN B 37 11.61 7.04 -4.82
N GLN B 38 12.81 7.55 -4.53
CA GLN B 38 13.66 8.18 -5.55
C GLN B 38 15.05 7.56 -5.49
N LYS B 39 15.38 6.77 -6.47
CA LYS B 39 16.75 6.32 -6.53
C LYS B 39 17.63 7.44 -7.09
N PRO B 40 18.89 7.53 -6.66
CA PRO B 40 19.75 8.65 -7.11
C PRO B 40 19.89 8.66 -8.63
N GLY B 41 19.69 9.84 -9.21
CA GLY B 41 19.68 10.01 -10.65
C GLY B 41 18.37 9.71 -11.36
N LYS B 42 17.35 9.22 -10.67
CA LYS B 42 16.11 8.81 -11.31
C LYS B 42 14.96 9.69 -10.84
N ALA B 43 13.81 9.54 -11.52
CA ALA B 43 12.59 10.21 -11.11
C ALA B 43 11.89 9.43 -10.00
N PRO B 44 11.02 10.08 -9.24
CA PRO B 44 10.24 9.36 -8.21
C PRO B 44 9.26 8.36 -8.82
N ASN B 45 9.14 7.17 -8.19
CA ASN B 45 8.07 6.20 -8.47
C ASN B 45 7.08 6.20 -7.31
N LEU B 46 5.80 6.24 -7.64
CA LEU B 46 4.75 6.11 -6.62
C LEU B 46 4.82 4.75 -5.93
N LEU B 47 4.71 4.73 -4.62
CA LEU B 47 4.69 3.45 -3.89
C LEU B 47 3.32 3.22 -3.31
N ILE B 48 2.85 4.22 -2.60
CA ILE B 48 1.57 4.21 -1.86
C ILE B 48 0.82 5.50 -2.14
N TYR B 49 -0.48 5.38 -2.27
CA TYR B 49 -1.48 6.45 -2.39
C TYR B 49 -2.60 6.15 -1.40
N ALA B 50 -3.31 7.17 -0.95
CA ALA B 50 -4.42 7.12 0.01
C ALA B 50 -4.01 6.49 1.34
N ALA B 51 -2.81 6.81 1.81
CA ALA B 51 -2.16 6.34 3.06
C ALA B 51 -1.75 4.87 3.08
N SER B 52 -2.57 3.94 2.60
CA SER B 52 -2.31 2.50 2.72
C SER B 52 -2.42 1.72 1.42
N THR B 53 -2.75 2.31 0.29
CA THR B 53 -2.93 1.47 -0.90
C THR B 53 -1.65 1.27 -1.72
N LEU B 54 -1.33 0.03 -1.99
CA LEU B 54 -0.16 -0.26 -2.81
C LEU B 54 -0.46 0.04 -4.26
N GLN B 55 0.44 0.76 -4.89
CA GLN B 55 0.40 1.10 -6.31
C GLN B 55 0.80 -0.14 -7.11
N SER B 56 0.07 -0.41 -8.16
CA SER B 56 0.31 -1.54 -9.05
C SER B 56 1.76 -1.70 -9.44
N GLY B 57 2.32 -2.88 -9.24
CA GLY B 57 3.72 -3.15 -9.59
C GLY B 57 4.68 -3.08 -8.43
N VAL B 58 4.40 -2.28 -7.42
CA VAL B 58 5.32 -2.10 -6.30
C VAL B 58 5.33 -3.39 -5.46
N PRO B 59 6.48 -3.84 -4.98
CA PRO B 59 6.52 -5.11 -4.23
C PRO B 59 5.79 -4.97 -2.91
N SER B 60 5.40 -6.12 -2.35
CA SER B 60 4.48 -6.12 -1.22
C SER B 60 5.17 -5.86 0.10
N ARG B 61 6.51 -5.80 0.13
CA ARG B 61 7.21 -5.44 1.36
C ARG B 61 7.07 -3.97 1.73
N PHE B 62 6.54 -3.14 0.83
CA PHE B 62 6.18 -1.77 1.17
C PHE B 62 4.74 -1.73 1.64
N SER B 63 4.47 -0.91 2.66
CA SER B 63 3.09 -0.76 3.09
C SER B 63 2.99 0.51 3.90
N GLY B 64 1.84 1.17 3.80
CA GLY B 64 1.54 2.36 4.57
C GLY B 64 0.41 2.13 5.56
N SER B 65 0.53 2.76 6.70
CA SER B 65 -0.60 2.94 7.60
C SER B 65 -0.60 4.39 8.04
N GLY B 66 -1.74 4.84 8.53
CA GLY B 66 -1.86 6.18 9.04
C GLY B 66 -3.16 6.85 8.63
N SER B 67 -3.47 7.92 9.34
CA SER B 67 -4.64 8.78 9.15
C SER B 67 -4.47 9.97 10.08
N GLY B 68 -4.98 11.11 9.64
CA GLY B 68 -4.91 12.29 10.48
C GLY B 68 -3.61 13.00 10.29
N THR B 69 -2.63 12.78 11.16
CA THR B 69 -1.36 13.54 11.10
C THR B 69 -0.15 12.60 11.21
N GLU B 70 -0.40 11.33 11.49
CA GLU B 70 0.68 10.33 11.69
C GLU B 70 0.59 9.27 10.62
N PHE B 71 1.55 9.29 9.69
CA PHE B 71 1.61 8.32 8.57
C PHE B 71 2.90 7.55 8.69
N THR B 72 2.82 6.26 8.42
CA THR B 72 3.97 5.38 8.56
C THR B 72 4.19 4.59 7.29
N LEU B 73 5.43 4.52 6.85
CA LEU B 73 5.82 3.70 5.71
C LEU B 73 6.76 2.62 6.22
N THR B 74 6.42 1.37 5.92
CA THR B 74 7.14 0.22 6.46
C THR B 74 7.73 -0.56 5.30
N ILE B 75 8.97 -0.96 5.43
CA ILE B 75 9.55 -1.93 4.53
C ILE B 75 9.76 -3.19 5.36
N SER B 76 8.93 -4.21 5.16
CA SER B 76 8.90 -5.31 6.14
C SER B 76 10.18 -6.15 6.12
N SER B 77 10.85 -6.24 4.97
CA SER B 77 12.12 -6.97 4.90
C SER B 77 13.01 -6.29 3.87
N LEU B 78 13.98 -5.51 4.37
CA LEU B 78 14.78 -4.67 3.49
C LEU B 78 15.59 -5.50 2.49
N GLN B 79 15.71 -4.96 1.25
CA GLN B 79 16.49 -5.46 0.11
C GLN B 79 17.67 -4.53 -0.18
N PRO B 80 18.75 -5.06 -0.78
CA PRO B 80 19.91 -4.20 -1.08
C PRO B 80 19.56 -3.06 -2.03
N GLU B 81 18.65 -3.28 -2.97
CA GLU B 81 18.23 -2.28 -3.94
C GLU B 81 17.30 -1.23 -3.34
N ASP B 82 16.99 -1.31 -2.05
CA ASP B 82 15.99 -0.42 -1.48
C ASP B 82 16.59 0.85 -0.90
N PHE B 83 17.90 1.05 -1.00
CA PHE B 83 18.43 2.34 -0.61
C PHE B 83 17.93 3.35 -1.62
N ALA B 84 17.41 4.45 -1.12
CA ALA B 84 16.87 5.50 -1.96
C ALA B 84 16.59 6.66 -1.04
N THR B 85 15.98 7.70 -1.59
CA THR B 85 15.32 8.71 -0.79
C THR B 85 13.82 8.54 -0.93
N TYR B 86 13.11 8.66 0.18
CA TYR B 86 11.67 8.44 0.25
C TYR B 86 10.98 9.74 0.60
N TYR B 87 9.89 10.05 -0.10
CA TYR B 87 9.19 11.30 0.14
C TYR B 87 7.73 11.02 0.46
N CYS B 88 7.17 11.75 1.43
CA CYS B 88 5.72 11.78 1.51
C CYS B 88 5.17 12.95 0.69
N GLN B 89 3.88 12.88 0.40
CA GLN B 89 3.25 13.96 -0.34
C GLN B 89 1.80 14.07 0.07
N GLN B 90 1.34 15.29 0.32
CA GLN B 90 -0.07 15.50 0.57
C GLN B 90 -0.83 15.43 -0.75
N LEU B 91 -1.89 14.63 -0.79
CA LEU B 91 -2.71 14.59 -1.99
C LEU B 91 -3.89 15.53 -1.81
N ASN B 92 -4.43 15.98 -2.94
CA ASN B 92 -5.53 16.93 -2.94
C ASN B 92 -5.12 18.23 -2.25
N SER B 93 -3.89 18.65 -2.53
CA SER B 93 -3.33 19.86 -1.98
C SER B 93 -3.02 20.81 -3.11
N ASP B 94 -3.53 22.04 -3.02
CA ASP B 94 -3.31 22.90 -4.18
C ASP B 94 -1.88 23.43 -4.25
N LEU B 95 -1.04 23.08 -3.28
CA LEU B 95 0.38 23.36 -3.37
C LEU B 95 1.24 22.13 -3.67
N TYR B 96 0.66 20.93 -3.71
CA TYR B 96 1.40 19.71 -4.00
C TYR B 96 2.62 19.61 -3.08
N THR B 97 2.33 19.55 -1.79
CA THR B 97 3.36 19.61 -0.77
C THR B 97 4.03 18.26 -0.56
N PHE B 98 5.38 18.28 -0.54
CA PHE B 98 6.21 17.14 -0.21
C PHE B 98 6.87 17.33 1.16
N GLY B 99 7.32 16.19 1.73
CA GLY B 99 8.23 16.19 2.87
C GLY B 99 9.68 16.41 2.44
N GLN B 100 10.55 16.60 3.44
CA GLN B 100 11.94 16.95 3.17
C GLN B 100 12.74 15.77 2.63
N GLY B 101 12.24 14.55 2.80
CA GLY B 101 12.93 13.36 2.34
C GLY B 101 13.65 12.63 3.48
N THR B 102 13.69 11.31 3.36
CA THR B 102 14.45 10.45 4.25
C THR B 102 15.40 9.59 3.44
N LYS B 103 16.70 9.77 3.67
CA LYS B 103 17.72 8.98 2.99
C LYS B 103 17.95 7.68 3.74
N LEU B 104 17.73 6.55 3.07
CA LEU B 104 17.92 5.22 3.64
C LEU B 104 19.13 4.57 3.00
N GLU B 105 20.03 4.07 3.84
CA GLU B 105 21.27 3.42 3.46
C GLU B 105 21.29 1.97 3.95
N ILE B 106 21.95 1.07 3.22
CA ILE B 106 21.97 -0.34 3.63
C ILE B 106 23.17 -0.59 4.55
N LYS B 107 22.88 -1.06 5.77
CA LYS B 107 23.94 -1.49 6.68
C LYS B 107 24.41 -2.89 6.29
N ARG B 108 25.71 -3.11 6.42
CA ARG B 108 26.39 -4.28 5.89
C ARG B 108 27.56 -4.58 6.81
N THR B 109 28.09 -5.80 6.71
CA THR B 109 29.31 -6.13 7.44
C THR B 109 30.49 -5.32 6.89
N VAL B 110 31.52 -5.16 7.72
CA VAL B 110 32.65 -4.31 7.36
C VAL B 110 33.43 -4.95 6.22
N ALA B 111 33.83 -4.13 5.25
CA ALA B 111 34.59 -4.57 4.08
C ALA B 111 35.75 -3.60 3.89
N ALA B 112 36.99 -4.12 3.87
CA ALA B 112 38.15 -3.25 3.76
C ALA B 112 38.37 -2.83 2.30
N PRO B 113 38.87 -1.61 2.07
CA PRO B 113 39.05 -1.13 0.70
C PRO B 113 40.27 -1.74 0.04
N SER B 114 40.24 -1.76 -1.28
CA SER B 114 41.40 -2.02 -2.12
C SER B 114 41.93 -0.69 -2.65
N VAL B 115 43.22 -0.45 -2.51
CA VAL B 115 43.79 0.86 -2.82
C VAL B 115 44.60 0.79 -4.11
N PHE B 116 44.48 1.83 -4.92
CA PHE B 116 45.25 1.98 -6.14
C PHE B 116 45.62 3.45 -6.28
N ILE B 117 46.78 3.70 -6.89
CA ILE B 117 47.32 5.05 -7.09
C ILE B 117 47.78 5.18 -8.53
N PHE B 118 47.51 6.33 -9.14
CA PHE B 118 47.75 6.54 -10.57
C PHE B 118 48.57 7.80 -10.81
N PRO B 119 49.81 7.69 -11.30
CA PRO B 119 50.57 8.88 -11.70
C PRO B 119 49.85 9.65 -12.79
N PRO B 120 50.11 10.95 -12.92
CA PRO B 120 49.49 11.72 -14.00
C PRO B 120 49.91 11.19 -15.36
N SER B 121 49.01 11.34 -16.32
CA SER B 121 49.37 11.02 -17.69
C SER B 121 50.39 12.02 -18.21
N ASP B 122 51.30 11.55 -19.06
CA ASP B 122 52.20 12.47 -19.74
C ASP B 122 51.45 13.30 -20.76
N GLU B 123 50.39 12.72 -21.36
CA GLU B 123 49.49 13.50 -22.19
C GLU B 123 49.02 14.76 -21.47
N GLN B 124 48.93 14.72 -20.13
CA GLN B 124 48.43 15.81 -19.29
C GLN B 124 49.53 16.75 -18.84
N LEU B 125 50.71 16.18 -18.52
CA LEU B 125 51.84 16.96 -18.02
C LEU B 125 52.35 17.97 -19.04
N LYS B 126 52.02 17.79 -20.33
CA LYS B 126 52.35 18.80 -21.34
C LYS B 126 51.61 20.10 -21.11
N SER B 127 50.49 20.06 -20.38
CA SER B 127 49.68 21.25 -20.18
C SER B 127 49.98 22.00 -18.87
N GLY B 128 50.83 21.46 -18.01
CA GLY B 128 51.28 22.21 -16.85
C GLY B 128 50.54 21.96 -15.56
N THR B 129 49.50 21.11 -15.57
CA THR B 129 48.81 20.65 -14.37
C THR B 129 48.90 19.12 -14.30
N ALA B 130 49.12 18.58 -13.09
CA ALA B 130 49.25 17.15 -12.87
C ALA B 130 48.24 16.68 -11.83
N SER B 131 47.48 15.63 -12.15
CA SER B 131 46.47 15.09 -11.25
C SER B 131 46.89 13.70 -10.81
N VAL B 132 47.16 13.53 -9.51
CA VAL B 132 47.47 12.22 -8.93
C VAL B 132 46.19 11.66 -8.31
N VAL B 133 45.88 10.40 -8.61
CA VAL B 133 44.56 9.84 -8.30
C VAL B 133 44.74 8.60 -7.43
N CYS B 134 44.06 8.60 -6.29
CA CYS B 134 44.02 7.46 -5.38
C CYS B 134 42.63 6.88 -5.43
N LEU B 135 42.53 5.56 -5.59
CA LEU B 135 41.25 4.88 -5.64
C LEU B 135 41.09 3.95 -4.43
N LEU B 136 39.99 4.08 -3.70
CA LEU B 136 39.59 3.14 -2.66
C LEU B 136 38.36 2.40 -3.17
N ASN B 137 38.41 1.08 -3.17
CA ASN B 137 37.36 0.32 -3.88
C ASN B 137 36.67 -0.70 -3.02
N ASN B 138 35.35 -0.72 -3.11
CA ASN B 138 34.43 -1.72 -2.50
C ASN B 138 34.65 -1.86 -1.01
N PHE B 139 34.33 -0.81 -0.26
CA PHE B 139 34.48 -0.87 1.19
C PHE B 139 33.16 -0.50 1.84
N TYR B 140 33.13 -0.68 3.15
CA TYR B 140 32.03 -0.33 4.05
C TYR B 140 32.55 -0.36 5.48
N PRO B 141 32.22 0.63 6.33
CA PRO B 141 31.32 1.77 6.15
C PRO B 141 31.85 2.86 5.22
N ARG B 142 31.09 3.96 5.15
CA ARG B 142 31.21 4.92 4.04
C ARG B 142 32.53 5.66 4.04
N GLU B 143 33.00 6.18 5.16
CA GLU B 143 34.15 7.05 5.05
C GLU B 143 35.40 6.53 5.77
N ALA B 144 36.53 6.77 5.10
CA ALA B 144 37.89 6.49 5.49
C ALA B 144 38.69 7.77 5.34
N LYS B 145 39.82 7.84 6.03
CA LYS B 145 40.71 8.99 5.89
C LYS B 145 41.73 8.69 4.80
N VAL B 146 42.01 9.67 3.97
CA VAL B 146 43.01 9.58 2.92
C VAL B 146 44.05 10.67 3.16
N GLN B 147 45.32 10.28 3.26
CA GLN B 147 46.43 11.20 3.50
C GLN B 147 47.41 11.12 2.34
N TRP B 148 47.63 12.24 1.68
CA TRP B 148 48.66 12.35 0.66
C TRP B 148 50.00 12.74 1.28
N LYS B 149 51.08 12.15 0.79
CA LYS B 149 52.45 12.47 1.24
C LYS B 149 53.36 12.68 0.03
N VAL B 150 53.86 13.88 -0.18
CA VAL B 150 54.78 14.12 -1.31
C VAL B 150 56.14 14.08 -0.67
N ASP B 151 57.03 13.24 -1.17
CA ASP B 151 58.27 12.93 -0.44
C ASP B 151 57.67 12.35 0.83
N ASN B 152 57.86 12.94 2.00
CA ASN B 152 57.17 12.34 3.15
C ASN B 152 56.40 13.40 3.91
N ALA B 153 55.94 14.39 3.20
CA ALA B 153 55.30 15.59 3.77
C ALA B 153 53.81 15.53 3.52
N LEU B 154 53.03 15.25 4.58
CA LEU B 154 51.57 15.33 4.53
C LEU B 154 51.11 16.55 3.77
N GLN B 155 50.31 16.32 2.73
CA GLN B 155 49.71 17.42 2.01
C GLN B 155 48.40 17.82 2.69
N SER B 156 47.90 18.99 2.32
CA SER B 156 46.71 19.56 2.95
C SER B 156 46.20 20.70 2.10
N GLY B 157 44.93 20.64 1.73
CA GLY B 157 44.34 21.73 1.02
C GLY B 157 44.53 21.69 -0.46
N ASN B 158 45.09 20.61 -1.02
CA ASN B 158 45.16 20.48 -2.46
C ASN B 158 44.59 19.15 -2.95
N SER B 159 43.71 18.51 -2.19
CA SER B 159 43.08 17.28 -2.64
C SER B 159 41.57 17.41 -2.58
N GLN B 160 40.89 16.60 -3.40
CA GLN B 160 39.44 16.52 -3.45
C GLN B 160 39.02 15.07 -3.50
N GLU B 161 37.94 14.74 -2.80
CA GLU B 161 37.39 13.41 -2.78
C GLU B 161 36.04 13.38 -3.48
N SER B 162 35.70 12.20 -3.99
CA SER B 162 34.39 11.90 -4.55
C SER B 162 34.03 10.48 -4.12
N VAL B 163 32.80 10.29 -3.65
CA VAL B 163 32.30 8.97 -3.29
C VAL B 163 31.19 8.59 -4.26
N THR B 164 31.02 7.29 -4.48
CA THR B 164 29.88 6.84 -5.25
C THR B 164 28.69 6.63 -4.33
N GLU B 165 27.54 6.33 -4.95
CA GLU B 165 26.40 5.81 -4.20
C GLU B 165 26.63 4.33 -3.88
N GLN B 166 25.79 3.78 -3.02
CA GLN B 166 25.92 2.37 -2.71
C GLN B 166 25.75 1.51 -3.95
N ASP B 167 26.60 0.50 -4.10
CA ASP B 167 26.37 -0.55 -5.07
C ASP B 167 25.05 -1.26 -4.76
N SER B 168 24.33 -1.64 -5.81
CA SER B 168 22.97 -2.11 -5.64
C SER B 168 22.86 -3.57 -5.20
N LYS B 169 23.96 -4.32 -5.11
CA LYS B 169 23.77 -5.67 -4.57
C LYS B 169 24.74 -6.08 -3.46
N ASP B 170 26.00 -5.61 -3.49
CA ASP B 170 26.84 -5.87 -2.33
C ASP B 170 26.95 -4.67 -1.41
N SER B 171 26.36 -3.54 -1.78
CA SER B 171 26.15 -2.39 -0.88
C SER B 171 27.45 -1.70 -0.47
N THR B 172 28.53 -1.87 -1.22
CA THR B 172 29.77 -1.20 -0.86
C THR B 172 29.86 0.17 -1.52
N TYR B 173 30.95 0.86 -1.22
CA TYR B 173 31.24 2.20 -1.70
C TYR B 173 32.57 2.19 -2.45
N SER B 174 32.82 3.26 -3.19
CA SER B 174 34.13 3.53 -3.76
C SER B 174 34.44 5.01 -3.59
N LEU B 175 35.74 5.33 -3.68
CA LEU B 175 36.23 6.69 -3.39
C LEU B 175 37.44 6.98 -4.25
N SER B 176 37.54 8.22 -4.71
CA SER B 176 38.73 8.69 -5.41
C SER B 176 39.19 10.00 -4.79
N SER B 177 40.43 10.04 -4.32
CA SER B 177 41.10 11.27 -3.92
C SER B 177 41.98 11.75 -5.06
N THR B 178 41.86 13.03 -5.41
CA THR B 178 42.65 13.65 -6.49
C THR B 178 43.53 14.74 -5.88
N LEU B 179 44.85 14.51 -5.90
CA LEU B 179 45.83 15.52 -5.53
C LEU B 179 46.18 16.38 -6.74
N THR B 180 46.26 17.70 -6.56
CA THR B 180 46.41 18.59 -7.70
C THR B 180 47.59 19.54 -7.47
N LEU B 181 48.50 19.58 -8.44
CA LEU B 181 49.65 20.48 -8.39
C LEU B 181 50.06 20.80 -9.83
N SER B 182 50.91 21.82 -9.99
CA SER B 182 51.43 22.18 -11.30
C SER B 182 52.51 21.20 -11.76
N LYS B 183 52.79 21.22 -13.07
CA LYS B 183 53.89 20.40 -13.59
C LYS B 183 55.20 20.76 -12.90
N ALA B 184 55.39 22.03 -12.58
CA ALA B 184 56.62 22.46 -11.93
C ALA B 184 56.85 21.72 -10.62
N ASP B 185 55.88 21.79 -9.70
CA ASP B 185 56.06 21.17 -8.39
C ASP B 185 56.01 19.65 -8.49
N TYR B 186 55.21 19.11 -9.42
CA TYR B 186 55.19 17.66 -9.60
C TYR B 186 56.59 17.14 -9.83
N GLU B 187 57.44 17.92 -10.50
CA GLU B 187 58.78 17.48 -10.85
C GLU B 187 59.84 17.87 -9.82
N LYS B 188 59.46 18.57 -8.74
CA LYS B 188 60.40 18.83 -7.66
C LYS B 188 60.62 17.62 -6.75
N HIS B 189 59.73 16.64 -6.77
CA HIS B 189 59.76 15.54 -5.81
C HIS B 189 59.66 14.19 -6.52
N LYS B 190 59.93 13.11 -5.77
CA LYS B 190 59.87 11.76 -6.35
C LYS B 190 58.78 10.89 -5.72
N VAL B 191 58.68 10.79 -4.40
CA VAL B 191 57.83 9.75 -3.80
C VAL B 191 56.44 10.31 -3.52
N TYR B 192 55.43 9.78 -4.24
CA TYR B 192 54.03 10.13 -4.05
C TYR B 192 53.29 8.96 -3.41
N ALA B 193 52.63 9.22 -2.29
CA ALA B 193 52.07 8.18 -1.46
C ALA B 193 50.64 8.51 -1.07
N CYS B 194 49.83 7.47 -0.91
CA CYS B 194 48.43 7.61 -0.53
C CYS B 194 48.20 6.67 0.64
N GLU B 195 48.12 7.21 1.85
CA GLU B 195 47.92 6.41 3.04
C GLU B 195 46.43 6.37 3.38
N VAL B 196 45.92 5.17 3.63
CA VAL B 196 44.47 4.96 3.79
C VAL B 196 44.21 4.34 5.16
N THR B 197 43.35 4.98 5.94
CA THR B 197 42.89 4.45 7.22
C THR B 197 41.41 4.10 7.12
N HIS B 198 41.05 2.91 7.58
CA HIS B 198 39.66 2.45 7.46
C HIS B 198 39.37 1.42 8.55
N GLN B 199 38.08 1.21 8.81
CA GLN B 199 37.69 0.32 9.90
C GLN B 199 38.01 -1.14 9.64
N GLY B 200 38.03 -1.57 8.38
CA GLY B 200 38.40 -2.94 8.04
C GLY B 200 39.88 -3.19 7.93
N LEU B 201 40.69 -2.18 8.26
CA LEU B 201 42.14 -2.22 8.15
C LEU B 201 42.75 -2.18 9.54
N SER B 202 43.49 -3.25 9.89
CA SER B 202 44.17 -3.33 11.18
C SER B 202 45.25 -2.25 11.30
N SER B 203 45.82 -1.83 10.19
CA SER B 203 46.73 -0.70 10.16
C SER B 203 46.56 -0.01 8.82
N PRO B 204 46.93 1.26 8.71
CA PRO B 204 46.84 1.94 7.42
C PRO B 204 47.68 1.24 6.37
N VAL B 205 47.15 1.19 5.16
CA VAL B 205 47.88 0.67 4.01
C VAL B 205 48.29 1.88 3.17
N THR B 206 49.49 1.84 2.63
CA THR B 206 50.02 2.94 1.81
C THR B 206 50.29 2.43 0.41
N LYS B 207 50.08 3.29 -0.59
CA LYS B 207 50.39 2.94 -1.97
C LYS B 207 51.23 4.06 -2.58
N SER B 208 52.36 3.68 -3.16
CA SER B 208 53.42 4.62 -3.54
C SER B 208 53.71 4.53 -5.03
N PHE B 209 54.46 5.51 -5.52
CA PHE B 209 55.19 5.41 -6.77
C PHE B 209 56.23 6.52 -6.83
N ASN B 210 57.22 6.34 -7.72
CA ASN B 210 58.32 7.29 -7.89
C ASN B 210 58.29 7.84 -9.31
N ARG B 211 58.30 9.16 -9.40
CA ARG B 211 58.31 9.90 -10.68
C ARG B 211 59.48 9.30 -11.47
N GLY B 212 59.14 8.55 -12.52
CA GLY B 212 60.13 7.85 -13.36
C GLY B 212 60.29 6.40 -12.97
N THR C 15 -47.99 37.41 2.35
CA THR C 15 -48.64 37.04 3.60
C THR C 15 -47.66 36.42 4.61
N ASN C 16 -46.50 35.96 4.14
CA ASN C 16 -45.65 35.20 5.04
C ASN C 16 -44.23 35.07 4.49
N LEU C 17 -43.26 34.79 5.38
CA LEU C 17 -41.81 34.61 5.19
C LEU C 17 -41.45 33.66 4.06
N CYS C 18 -40.38 34.00 3.36
CA CYS C 18 -39.76 33.04 2.48
C CYS C 18 -39.14 31.94 3.34
N PRO C 19 -39.31 30.70 2.96
CA PRO C 19 -38.93 29.62 3.89
C PRO C 19 -37.45 29.26 3.80
N PHE C 20 -36.61 30.16 4.34
CA PHE C 20 -35.18 29.90 4.42
C PHE C 20 -34.84 28.85 5.47
N GLY C 21 -35.77 28.51 6.37
CA GLY C 21 -35.56 27.37 7.23
C GLY C 21 -35.56 26.04 6.49
N GLU C 22 -36.10 26.02 5.27
CA GLU C 22 -36.11 24.77 4.53
C GLU C 22 -34.73 24.45 3.95
N VAL C 23 -33.95 25.47 3.59
CA VAL C 23 -32.69 25.26 2.90
C VAL C 23 -31.49 25.49 3.82
N PHE C 24 -31.62 26.39 4.79
CA PHE C 24 -30.53 26.68 5.71
C PHE C 24 -30.47 25.66 6.84
N ASN C 25 -31.57 25.46 7.56
CA ASN C 25 -31.58 24.52 8.66
C ASN C 25 -31.94 23.11 8.20
N ALA C 26 -31.77 22.81 6.92
CA ALA C 26 -32.07 21.47 6.41
C ALA C 26 -31.12 20.44 7.02
N THR C 27 -31.65 19.24 7.26
CA THR C 27 -30.85 18.24 7.96
C THR C 27 -29.72 17.70 7.07
N ARG C 28 -30.06 17.33 5.84
CA ARG C 28 -29.12 16.79 4.86
C ARG C 28 -28.75 17.84 3.80
N PHE C 29 -27.46 17.89 3.44
CA PHE C 29 -27.03 18.73 2.32
C PHE C 29 -26.56 17.84 1.16
N ALA C 30 -26.43 18.46 0.00
CA ALA C 30 -26.09 17.75 -1.23
C ALA C 30 -24.59 17.84 -1.54
N SER C 31 -24.07 16.79 -2.18
CA SER C 31 -22.72 16.89 -2.75
C SER C 31 -22.66 18.00 -3.78
N VAL C 32 -21.45 18.54 -3.99
CA VAL C 32 -21.37 19.71 -4.86
C VAL C 32 -21.66 19.36 -6.31
N TYR C 33 -21.24 18.17 -6.78
CA TYR C 33 -21.44 17.81 -8.19
C TYR C 33 -22.93 17.74 -8.54
N ALA C 34 -23.75 17.27 -7.59
CA ALA C 34 -25.19 17.17 -7.73
C ALA C 34 -25.89 18.20 -6.83
N TRP C 35 -25.59 19.48 -7.03
CA TRP C 35 -26.08 20.50 -6.11
C TRP C 35 -27.60 20.64 -6.17
N ASN C 36 -28.19 20.95 -5.02
CA ASN C 36 -29.62 21.19 -4.90
C ASN C 36 -29.92 22.65 -5.21
N ARG C 37 -31.14 22.89 -5.67
CA ARG C 37 -31.60 24.23 -5.98
C ARG C 37 -33.06 24.34 -5.60
N LYS C 38 -33.37 25.30 -4.72
CA LYS C 38 -34.73 25.66 -4.38
C LYS C 38 -35.09 26.96 -5.08
N ARG C 39 -36.30 27.02 -5.66
CA ARG C 39 -36.91 28.27 -6.11
C ARG C 39 -37.75 28.86 -4.99
N ILE C 40 -37.83 30.20 -4.98
CA ILE C 40 -38.51 30.94 -3.92
C ILE C 40 -39.41 31.96 -4.59
N SER C 41 -40.74 31.77 -4.46
CA SER C 41 -41.74 32.61 -5.10
C SER C 41 -42.75 33.10 -4.07
N ASN C 42 -43.44 34.21 -4.44
CA ASN C 42 -44.65 34.68 -3.75
C ASN C 42 -44.51 34.68 -2.23
N CYS C 43 -43.44 35.31 -1.75
CA CYS C 43 -43.23 35.52 -0.33
C CYS C 43 -42.40 36.79 -0.18
N VAL C 44 -42.11 37.12 1.07
CA VAL C 44 -41.28 38.32 1.43
C VAL C 44 -40.14 37.78 2.27
N ALA C 45 -38.92 38.27 2.05
CA ALA C 45 -37.80 37.64 2.76
C ALA C 45 -36.97 38.65 3.54
N ASP C 46 -36.95 38.46 4.85
CA ASP C 46 -36.15 39.31 5.74
C ASP C 46 -34.69 38.93 5.53
N TYR C 47 -33.99 39.71 4.70
CA TYR C 47 -32.58 39.54 4.26
C TYR C 47 -31.61 40.19 5.24
N SER C 48 -31.98 40.34 6.50
CA SER C 48 -31.02 40.91 7.47
C SER C 48 -31.07 40.08 8.75
N VAL C 49 -31.89 39.02 8.75
CA VAL C 49 -31.89 37.99 9.83
C VAL C 49 -30.92 36.87 9.42
N LEU C 50 -30.40 36.97 8.20
CA LEU C 50 -29.33 36.16 7.67
C LEU C 50 -28.11 37.07 7.83
N TYR C 51 -28.18 38.33 7.36
CA TYR C 51 -26.93 39.14 7.44
C TYR C 51 -26.55 39.44 8.88
N ASN C 52 -27.52 39.65 9.77
CA ASN C 52 -27.18 39.95 11.17
C ASN C 52 -27.09 38.69 12.00
N SER C 53 -27.16 37.50 11.39
CA SER C 53 -27.12 36.25 12.17
C SER C 53 -25.86 36.19 13.02
N ALA C 54 -24.72 36.28 12.32
CA ALA C 54 -23.29 36.20 12.77
C ALA C 54 -22.84 34.74 12.86
N SER C 55 -23.73 33.79 12.59
CA SER C 55 -23.43 32.34 12.64
C SER C 55 -22.84 31.85 11.31
N PHE C 56 -22.62 32.74 10.36
CA PHE C 56 -22.09 32.45 9.01
C PHE C 56 -20.68 32.94 8.83
N SER C 57 -19.70 32.04 8.63
CA SER C 57 -18.30 32.44 8.43
C SER C 57 -18.14 33.38 7.25
N THR C 58 -19.03 33.28 6.27
CA THR C 58 -18.94 34.00 5.01
C THR C 58 -20.30 34.58 4.67
N PHE C 59 -20.31 35.83 4.20
CA PHE C 59 -21.54 36.43 3.72
C PHE C 59 -21.23 37.52 2.72
N LYS C 60 -20.86 37.14 1.50
CA LYS C 60 -20.53 38.10 0.46
C LYS C 60 -21.72 38.24 -0.48
N CYS C 61 -21.85 39.43 -1.08
CA CYS C 61 -22.85 39.68 -2.10
C CYS C 61 -22.19 40.36 -3.27
N TYR C 62 -22.81 40.27 -4.45
CA TYR C 62 -22.14 40.69 -5.67
C TYR C 62 -22.92 41.66 -6.54
N GLY C 63 -24.22 41.85 -6.29
CA GLY C 63 -24.98 42.91 -6.92
C GLY C 63 -24.87 44.19 -6.15
N VAL C 64 -25.78 44.37 -5.20
CA VAL C 64 -25.75 45.48 -4.25
C VAL C 64 -26.05 44.89 -2.88
N SER C 65 -26.24 45.78 -1.89
CA SER C 65 -25.94 45.47 -0.50
C SER C 65 -27.01 44.58 0.13
N PRO C 66 -26.63 43.78 1.13
CA PRO C 66 -27.61 42.97 1.89
C PRO C 66 -28.71 43.78 2.56
N THR C 67 -28.54 45.11 2.65
CA THR C 67 -29.58 45.97 3.18
C THR C 67 -30.51 46.48 2.09
N LYS C 68 -29.96 47.07 1.01
CA LYS C 68 -30.79 47.55 -0.08
C LYS C 68 -31.40 46.41 -0.89
N LEU C 69 -31.03 45.17 -0.59
CA LEU C 69 -31.64 44.01 -1.23
C LEU C 69 -33.06 43.78 -0.72
N ASN C 70 -33.25 43.84 0.61
CA ASN C 70 -34.58 43.78 1.22
C ASN C 70 -35.33 45.10 1.10
N ASP C 71 -34.74 46.08 0.42
CA ASP C 71 -35.40 47.29 -0.05
C ASP C 71 -35.75 47.19 -1.54
N LEU C 72 -35.95 45.97 -2.04
CA LEU C 72 -36.27 45.74 -3.44
C LEU C 72 -37.12 44.46 -3.53
N CYS C 73 -37.81 44.31 -4.69
CA CYS C 73 -38.55 43.12 -5.17
C CYS C 73 -37.86 42.54 -6.37
N PHE C 74 -37.95 41.21 -6.58
CA PHE C 74 -37.39 40.57 -7.77
C PHE C 74 -38.38 39.67 -8.52
N THR C 75 -38.00 39.25 -9.74
CA THR C 75 -38.86 38.33 -10.51
C THR C 75 -38.84 36.92 -9.90
N ASN C 76 -37.65 36.42 -9.53
CA ASN C 76 -37.56 35.16 -8.79
C ASN C 76 -36.17 34.98 -8.18
N VAL C 77 -36.13 34.19 -7.10
CA VAL C 77 -34.95 34.02 -6.26
C VAL C 77 -34.60 32.54 -6.17
N TYR C 78 -33.31 32.25 -6.34
CA TYR C 78 -32.80 30.88 -6.31
C TYR C 78 -31.89 30.68 -5.10
N ALA C 79 -32.06 29.54 -4.42
CA ALA C 79 -31.18 29.17 -3.30
C ALA C 79 -30.50 27.84 -3.63
N ASP C 80 -29.26 27.91 -4.15
CA ASP C 80 -28.47 26.71 -4.41
C ASP C 80 -27.69 26.32 -3.17
N SER C 81 -27.64 25.03 -2.88
CA SER C 81 -27.02 24.54 -1.66
C SER C 81 -26.09 23.37 -1.95
N PHE C 82 -24.97 23.29 -1.22
CA PHE C 82 -24.01 22.18 -1.37
C PHE C 82 -22.94 22.30 -0.29
N VAL C 83 -22.14 21.22 -0.17
CA VAL C 83 -21.05 21.13 0.80
C VAL C 83 -19.71 21.08 0.07
N ILE C 84 -18.73 21.83 0.58
CA ILE C 84 -17.38 21.74 0.03
C ILE C 84 -16.37 21.88 1.15
N ARG C 85 -15.12 21.84 0.78
CA ARG C 85 -14.03 22.02 1.74
C ARG C 85 -13.99 23.51 2.00
N GLY C 86 -13.67 23.92 3.21
CA GLY C 86 -13.59 25.36 3.57
C GLY C 86 -12.65 26.14 2.68
N ASP C 87 -11.54 25.53 2.29
CA ASP C 87 -10.48 25.98 1.38
C ASP C 87 -11.01 26.20 -0.05
N GLU C 88 -12.15 25.61 -0.42
CA GLU C 88 -12.71 25.73 -1.78
C GLU C 88 -13.79 26.82 -1.87
N VAL C 89 -14.23 27.38 -0.75
CA VAL C 89 -15.27 28.42 -0.76
C VAL C 89 -14.76 29.62 -1.53
N ARG C 90 -13.49 29.95 -1.47
CA ARG C 90 -13.01 31.03 -2.30
C ARG C 90 -13.33 30.83 -3.78
N GLN C 91 -13.67 29.63 -4.23
CA GLN C 91 -13.97 29.47 -5.65
C GLN C 91 -15.43 29.72 -5.99
N ILE C 92 -16.33 29.77 -5.01
CA ILE C 92 -17.74 30.09 -5.23
C ILE C 92 -17.92 31.60 -5.38
N ALA C 93 -17.52 32.12 -6.54
CA ALA C 93 -17.48 33.55 -6.79
C ALA C 93 -17.23 33.76 -8.28
N PRO C 94 -17.72 34.85 -8.87
CA PRO C 94 -17.47 35.09 -10.29
C PRO C 94 -15.99 35.18 -10.59
N GLY C 95 -15.62 34.65 -11.77
CA GLY C 95 -14.26 34.74 -12.29
C GLY C 95 -13.22 33.85 -11.65
N GLN C 96 -13.61 32.85 -10.87
CA GLN C 96 -12.66 31.96 -10.24
C GLN C 96 -12.43 30.72 -11.10
N THR C 97 -11.37 29.99 -10.78
CA THR C 97 -11.06 28.69 -11.37
C THR C 97 -10.75 27.71 -10.24
N GLY C 98 -10.39 26.49 -10.61
CA GLY C 98 -10.15 25.43 -9.66
C GLY C 98 -11.17 24.31 -9.79
N LYS C 99 -10.95 23.27 -9.00
CA LYS C 99 -11.67 22.01 -9.25
C LYS C 99 -13.16 22.19 -9.04
N ILE C 100 -13.57 23.09 -8.18
CA ILE C 100 -14.98 23.26 -7.86
C ILE C 100 -15.65 24.21 -8.86
N ALA C 101 -14.99 25.30 -9.19
CA ALA C 101 -15.58 26.25 -10.12
C ALA C 101 -15.56 25.72 -11.54
N ASP C 102 -14.60 24.86 -11.88
CA ASP C 102 -14.52 24.32 -13.23
C ASP C 102 -15.43 23.12 -13.45
N TYR C 103 -15.47 22.16 -12.51
CA TYR C 103 -16.14 20.91 -12.81
C TYR C 103 -17.33 20.63 -11.93
N ASN C 104 -17.71 21.55 -11.04
CA ASN C 104 -18.76 21.17 -10.10
C ASN C 104 -19.86 22.21 -9.97
N TYR C 105 -19.51 23.48 -9.79
CA TYR C 105 -20.49 24.55 -9.60
C TYR C 105 -19.86 25.84 -10.06
N LYS C 106 -20.48 26.55 -11.02
CA LYS C 106 -19.82 27.68 -11.66
C LYS C 106 -20.73 28.89 -11.66
N LEU C 107 -20.35 29.93 -10.94
CA LEU C 107 -21.05 31.20 -11.00
C LEU C 107 -20.61 32.00 -12.23
N PRO C 108 -21.54 32.70 -12.86
CA PRO C 108 -21.20 33.52 -14.05
C PRO C 108 -20.45 34.78 -13.69
N ASP C 109 -19.77 35.33 -14.70
CA ASP C 109 -18.91 36.50 -14.45
C ASP C 109 -19.72 37.69 -13.93
N ASP C 110 -20.99 37.79 -14.31
CA ASP C 110 -21.90 38.89 -13.96
C ASP C 110 -22.84 38.50 -12.82
N PHE C 111 -22.39 37.73 -11.85
CA PHE C 111 -23.30 37.23 -10.82
C PHE C 111 -23.81 38.37 -9.95
N THR C 112 -25.11 38.37 -9.73
CA THR C 112 -25.81 39.28 -8.82
C THR C 112 -26.48 38.38 -7.79
N GLY C 113 -25.89 38.30 -6.59
CA GLY C 113 -26.47 37.50 -5.54
C GLY C 113 -25.51 37.40 -4.38
N CYS C 114 -25.85 36.50 -3.44
CA CYS C 114 -25.06 36.37 -2.23
C CYS C 114 -24.63 34.93 -2.00
N VAL C 115 -23.37 34.75 -1.57
CA VAL C 115 -22.83 33.45 -1.18
C VAL C 115 -22.73 33.37 0.33
N ILE C 116 -23.22 32.30 0.91
CA ILE C 116 -23.21 32.12 2.37
C ILE C 116 -22.57 30.78 2.69
N ALA C 117 -21.75 30.75 3.74
CA ALA C 117 -20.99 29.53 4.06
C ALA C 117 -20.74 29.48 5.56
N TRP C 118 -21.00 28.31 6.15
CA TRP C 118 -20.61 28.07 7.54
C TRP C 118 -19.97 26.71 7.71
N ASN C 119 -18.97 26.66 8.59
CA ASN C 119 -18.35 25.41 9.00
C ASN C 119 -19.40 24.46 9.53
N SER C 120 -19.29 23.19 9.15
CA SER C 120 -20.30 22.18 9.44
C SER C 120 -19.67 20.92 9.98
N ASN C 121 -18.47 21.05 10.56
CA ASN C 121 -17.69 19.91 10.99
C ASN C 121 -18.42 19.02 12.00
N ASN C 122 -19.41 19.55 12.74
CA ASN C 122 -20.13 18.73 13.72
C ASN C 122 -21.13 17.79 13.05
N LEU C 123 -21.70 18.17 11.92
CA LEU C 123 -22.70 17.34 11.27
C LEU C 123 -22.13 16.47 10.17
N ASP C 124 -21.30 17.05 9.31
CA ASP C 124 -20.90 16.41 8.07
C ASP C 124 -19.58 15.65 8.15
N SER C 125 -18.86 15.78 9.26
CA SER C 125 -17.67 14.98 9.48
C SER C 125 -18.00 13.74 10.30
N LYS C 126 -17.20 12.70 10.13
CA LYS C 126 -17.37 11.45 10.84
C LYS C 126 -16.01 10.96 11.31
N VAL C 127 -15.98 10.29 12.47
CA VAL C 127 -14.80 9.51 12.81
C VAL C 127 -14.66 8.40 11.77
N GLY C 128 -13.44 8.18 11.30
CA GLY C 128 -13.23 7.25 10.21
C GLY C 128 -13.52 7.80 8.84
N GLY C 129 -13.88 9.08 8.72
CA GLY C 129 -14.17 9.70 7.46
C GLY C 129 -15.62 9.57 7.02
N ASN C 130 -16.22 10.68 6.61
CA ASN C 130 -17.54 10.66 5.99
C ASN C 130 -17.37 10.75 4.48
N TYR C 131 -17.66 9.66 3.78
CA TYR C 131 -17.43 9.59 2.35
C TYR C 131 -18.69 9.83 1.52
N ASN C 132 -19.77 10.36 2.10
CA ASN C 132 -20.96 10.51 1.27
C ASN C 132 -20.93 11.77 0.42
N TYR C 133 -20.14 12.76 0.81
CA TYR C 133 -20.00 13.96 0.00
C TYR C 133 -18.98 13.71 -1.10
N LEU C 134 -19.35 14.02 -2.35
CA LEU C 134 -18.50 13.75 -3.51
C LEU C 134 -18.33 15.02 -4.33
N TYR C 135 -17.18 15.13 -5.01
CA TYR C 135 -16.96 16.18 -5.99
C TYR C 135 -16.55 15.51 -7.29
N ARG C 136 -16.71 16.24 -8.40
CA ARG C 136 -16.25 15.74 -9.68
C ARG C 136 -14.78 16.08 -9.86
N LEU C 137 -13.95 15.05 -10.03
CA LEU C 137 -12.52 15.26 -10.19
C LEU C 137 -12.11 15.35 -11.64
N PHE C 138 -12.75 14.58 -12.51
CA PHE C 138 -12.31 14.41 -13.89
C PHE C 138 -13.42 14.87 -14.83
N ARG C 139 -13.08 15.75 -15.77
CA ARG C 139 -14.00 16.28 -16.78
C ARG C 139 -13.18 16.98 -17.87
N LYS C 140 -13.55 16.76 -19.13
CA LYS C 140 -12.72 17.21 -20.25
C LYS C 140 -12.71 18.73 -20.44
N SER C 141 -13.66 19.43 -19.84
CA SER C 141 -13.89 20.83 -20.19
C SER C 141 -14.78 21.44 -19.13
N ASN C 142 -14.68 22.76 -19.00
CA ASN C 142 -15.30 23.47 -17.89
C ASN C 142 -16.80 23.47 -18.00
N LEU C 143 -17.47 23.53 -16.85
CA LEU C 143 -18.91 23.73 -16.80
C LEU C 143 -19.33 25.10 -17.33
N LYS C 144 -20.56 25.19 -17.80
CA LYS C 144 -21.15 26.50 -18.03
C LYS C 144 -21.72 27.02 -16.71
N PRO C 145 -21.94 28.34 -16.60
CA PRO C 145 -22.54 28.88 -15.37
C PRO C 145 -23.87 28.22 -15.04
N PHE C 146 -24.03 27.82 -13.77
CA PHE C 146 -25.25 27.19 -13.27
C PHE C 146 -25.57 25.87 -13.99
N GLU C 147 -24.55 25.09 -14.30
CA GLU C 147 -24.73 23.76 -14.89
C GLU C 147 -24.60 22.67 -13.83
N ARG C 148 -25.41 21.62 -13.95
CA ARG C 148 -25.38 20.47 -13.06
C ARG C 148 -25.10 19.22 -13.89
N ASP C 149 -23.96 18.58 -13.61
CA ASP C 149 -23.56 17.37 -14.31
C ASP C 149 -23.55 16.20 -13.31
N ILE C 150 -24.45 15.22 -13.49
CA ILE C 150 -24.51 14.09 -12.58
C ILE C 150 -24.11 12.79 -13.25
N SER C 151 -23.47 12.85 -14.40
CA SER C 151 -22.97 11.67 -15.10
C SER C 151 -21.95 10.89 -14.28
N THR C 152 -21.92 9.58 -14.44
CA THR C 152 -20.89 8.75 -13.82
C THR C 152 -20.16 7.91 -14.86
N GLU C 153 -20.07 8.42 -16.08
CA GLU C 153 -19.41 7.65 -17.11
C GLU C 153 -17.92 7.65 -16.87
N ILE C 154 -17.30 6.47 -17.04
CA ILE C 154 -15.87 6.35 -16.83
C ILE C 154 -15.12 7.35 -17.69
N TYR C 155 -14.10 7.98 -17.11
CA TYR C 155 -13.38 9.06 -17.76
C TYR C 155 -12.15 8.50 -18.46
N GLN C 156 -12.03 8.75 -19.76
CA GLN C 156 -10.93 8.21 -20.57
C GLN C 156 -9.71 9.12 -20.55
N ALA C 157 -8.67 8.74 -19.80
CA ALA C 157 -7.51 9.60 -19.67
C ALA C 157 -6.39 9.24 -20.62
N GLY C 158 -6.46 8.11 -21.31
CA GLY C 158 -5.45 7.81 -22.30
C GLY C 158 -6.00 7.68 -23.71
N SER C 159 -5.25 7.01 -24.58
CA SER C 159 -5.69 6.85 -25.96
C SER C 159 -6.64 5.67 -26.14
N THR C 160 -6.52 4.64 -25.33
CA THR C 160 -7.34 3.44 -25.54
C THR C 160 -8.72 3.64 -24.93
N PRO C 161 -9.80 3.30 -25.65
CA PRO C 161 -11.12 3.35 -25.04
C PRO C 161 -11.18 2.43 -23.82
N CYS C 162 -12.06 2.77 -22.88
CA CYS C 162 -12.11 2.01 -21.63
C CYS C 162 -13.07 0.84 -21.69
N ASN C 163 -14.01 0.80 -22.64
CA ASN C 163 -14.95 -0.32 -22.76
C ASN C 163 -15.69 -0.58 -21.46
N GLY C 164 -16.04 0.48 -20.73
CA GLY C 164 -16.67 0.36 -19.43
C GLY C 164 -15.93 -0.43 -18.37
N VAL C 165 -14.63 -0.28 -18.20
CA VAL C 165 -13.94 -0.92 -17.08
C VAL C 165 -13.05 0.09 -16.34
N GLU C 166 -13.42 0.38 -15.08
CA GLU C 166 -12.53 1.12 -14.18
C GLU C 166 -11.17 0.47 -14.12
N GLY C 167 -10.14 1.26 -14.42
CA GLY C 167 -8.79 0.80 -14.25
C GLY C 167 -7.81 1.87 -14.68
N PHE C 168 -6.63 1.46 -15.15
CA PHE C 168 -5.59 2.39 -15.57
C PHE C 168 -6.06 3.25 -16.75
N ASN C 169 -5.88 4.57 -16.61
CA ASN C 169 -6.38 5.60 -17.55
C ASN C 169 -7.90 5.55 -17.72
N CYS C 170 -8.62 5.04 -16.73
CA CYS C 170 -10.00 4.71 -16.90
C CYS C 170 -10.69 4.95 -15.55
N TYR C 171 -10.83 6.23 -15.22
CA TYR C 171 -11.12 6.65 -13.87
C TYR C 171 -12.60 6.92 -13.67
N PHE C 172 -13.12 6.46 -12.53
CA PHE C 172 -14.42 6.92 -12.08
C PHE C 172 -14.31 8.41 -11.79
N PRO C 173 -15.25 9.23 -12.27
CA PRO C 173 -15.02 10.69 -12.22
C PRO C 173 -15.26 11.34 -10.86
N LEU C 174 -16.03 10.72 -9.98
CA LEU C 174 -16.40 11.33 -8.72
C LEU C 174 -15.45 10.82 -7.64
N GLN C 175 -14.98 11.72 -6.80
CA GLN C 175 -14.08 11.38 -5.71
C GLN C 175 -14.66 11.88 -4.40
N SER C 176 -14.17 11.29 -3.34
CA SER C 176 -14.69 11.50 -1.99
C SER C 176 -13.83 12.44 -1.19
N TYR C 177 -14.48 13.34 -0.48
CA TYR C 177 -13.87 14.20 0.54
C TYR C 177 -13.96 13.31 1.75
N GLY C 178 -12.88 12.90 2.37
CA GLY C 178 -13.10 11.97 3.48
C GLY C 178 -13.17 12.74 4.76
N PHE C 179 -14.25 13.47 4.96
CA PHE C 179 -14.38 14.36 6.12
C PHE C 179 -14.21 13.55 7.38
N GLN C 180 -13.09 13.74 8.05
CA GLN C 180 -12.80 13.14 9.37
C GLN C 180 -12.80 14.36 10.28
N PRO C 181 -13.23 14.44 11.71
CA PRO C 181 -13.28 15.56 12.66
C PRO C 181 -11.91 16.16 12.92
N THR C 182 -10.90 15.32 12.95
CA THR C 182 -9.52 15.76 13.25
C THR C 182 -8.95 16.54 12.08
N ASN C 183 -9.76 16.88 11.10
CA ASN C 183 -9.25 17.58 9.93
C ASN C 183 -8.91 19.03 10.25
N GLY C 184 -7.87 19.53 9.62
CA GLY C 184 -7.57 20.94 9.71
C GLY C 184 -8.72 21.73 9.13
N VAL C 185 -8.89 22.99 9.53
CA VAL C 185 -10.17 23.64 9.28
C VAL C 185 -10.36 23.95 7.79
N GLY C 186 -9.28 24.22 7.06
CA GLY C 186 -9.40 24.39 5.62
C GLY C 186 -9.89 23.15 4.91
N TYR C 187 -9.76 21.98 5.54
CA TYR C 187 -10.17 20.70 4.98
C TYR C 187 -11.44 20.17 5.65
N GLN C 188 -12.18 21.01 6.36
CA GLN C 188 -13.41 20.59 7.00
C GLN C 188 -14.62 20.93 6.13
N PRO C 189 -15.77 20.29 6.37
CA PRO C 189 -16.94 20.54 5.50
C PRO C 189 -17.57 21.90 5.77
N TYR C 190 -18.00 22.55 4.69
CA TYR C 190 -18.68 23.84 4.78
C TYR C 190 -19.98 23.79 3.99
N ARG C 191 -21.10 23.93 4.70
CA ARG C 191 -22.36 24.10 4.01
C ARG C 191 -22.37 25.47 3.35
N VAL C 192 -22.90 25.54 2.14
CA VAL C 192 -22.90 26.77 1.36
C VAL C 192 -24.31 26.96 0.83
N VAL C 193 -24.74 28.21 0.72
CA VAL C 193 -25.99 28.56 0.08
C VAL C 193 -25.72 29.74 -0.83
N VAL C 194 -26.19 29.66 -2.06
CA VAL C 194 -26.04 30.75 -3.02
C VAL C 194 -27.43 31.30 -3.33
N LEU C 195 -27.60 32.61 -3.19
CA LEU C 195 -28.84 33.29 -3.52
C LEU C 195 -28.68 34.01 -4.84
N SER C 196 -29.53 33.70 -5.81
CA SER C 196 -29.54 34.35 -7.12
C SER C 196 -30.78 35.21 -7.23
N PHE C 197 -30.66 36.32 -7.98
CA PHE C 197 -31.74 37.27 -8.21
C PHE C 197 -31.84 37.63 -9.68
N GLU C 198 -33.03 37.53 -10.26
CA GLU C 198 -33.22 37.87 -11.68
C GLU C 198 -34.27 38.96 -11.91
N ALA C 204 -43.19 40.35 -10.39
CA ALA C 204 -42.43 40.24 -9.14
C ALA C 204 -43.12 39.29 -8.15
N THR C 205 -42.33 38.46 -7.47
CA THR C 205 -42.86 37.38 -6.63
C THR C 205 -42.36 37.45 -5.19
N VAL C 206 -41.12 37.84 -4.96
CA VAL C 206 -40.68 38.00 -3.54
C VAL C 206 -40.01 39.37 -3.39
N CYS C 207 -40.01 39.94 -2.19
CA CYS C 207 -39.33 41.24 -1.97
C CYS C 207 -39.01 41.43 -0.48
N GLY C 208 -38.64 42.66 -0.11
CA GLY C 208 -38.30 43.02 1.28
C GLY C 208 -39.50 43.48 2.05
N VAL D 2 -10.42 0.43 4.89
CA VAL D 2 -11.69 -0.13 4.38
C VAL D 2 -12.23 -1.26 5.26
N GLN D 3 -13.47 -1.09 5.76
CA GLN D 3 -14.07 -2.03 6.70
C GLN D 3 -15.47 -2.43 6.25
N LEU D 4 -15.79 -3.69 6.47
CA LEU D 4 -17.12 -4.23 6.21
C LEU D 4 -17.43 -5.08 7.45
N LEU D 5 -18.05 -4.44 8.44
CA LEU D 5 -18.31 -5.10 9.70
C LEU D 5 -19.76 -5.57 9.68
N GLU D 6 -19.96 -6.87 9.93
CA GLU D 6 -21.27 -7.50 9.78
C GLU D 6 -21.90 -7.79 11.12
N SER D 7 -23.23 -7.62 11.19
CA SER D 7 -24.02 -7.76 12.40
C SER D 7 -25.12 -8.79 12.14
N GLY D 8 -25.93 -9.06 13.18
CA GLY D 8 -26.97 -10.06 13.09
C GLY D 8 -26.41 -11.47 13.17
N GLY D 9 -27.26 -12.45 12.84
CA GLY D 9 -26.81 -13.84 12.87
C GLY D 9 -26.90 -14.54 14.22
N GLY D 10 -27.14 -15.84 14.18
CA GLY D 10 -27.50 -16.67 15.31
C GLY D 10 -28.35 -17.83 14.81
N VAL D 11 -29.25 -18.30 15.66
CA VAL D 11 -30.26 -19.29 15.28
C VAL D 11 -31.60 -18.59 15.12
N VAL D 12 -32.31 -19.23 14.24
CA VAL D 12 -33.71 -18.98 13.88
C VAL D 12 -34.26 -20.37 13.66
N GLN D 13 -35.48 -20.55 14.14
CA GLN D 13 -36.26 -21.81 14.03
C GLN D 13 -36.50 -22.06 12.56
N PRO D 14 -36.54 -23.30 12.06
CA PRO D 14 -36.74 -23.52 10.65
C PRO D 14 -38.02 -22.90 10.09
N GLY D 15 -37.94 -22.60 8.83
CA GLY D 15 -39.03 -21.91 8.15
C GLY D 15 -39.18 -20.44 8.48
N GLY D 16 -38.32 -19.86 9.34
CA GLY D 16 -38.44 -18.51 9.82
C GLY D 16 -37.49 -17.52 9.17
N SER D 17 -37.27 -16.38 9.84
CA SER D 17 -36.80 -15.16 9.21
C SER D 17 -35.81 -14.37 10.06
N LEU D 18 -34.72 -13.91 9.41
CA LEU D 18 -33.71 -13.05 10.03
C LEU D 18 -33.25 -12.00 9.01
N ARG D 19 -32.51 -11.00 9.49
CA ARG D 19 -31.99 -9.96 8.61
C ARG D 19 -30.54 -9.63 8.97
N LEU D 20 -29.62 -9.91 8.04
CA LEU D 20 -28.22 -9.57 8.19
C LEU D 20 -27.94 -8.12 7.82
N SER D 21 -26.95 -7.51 8.49
CA SER D 21 -26.55 -6.14 8.28
C SER D 21 -25.03 -6.06 8.07
N CYS D 22 -24.60 -5.11 7.23
CA CYS D 22 -23.20 -4.90 6.86
C CYS D 22 -22.97 -3.39 6.91
N ALA D 23 -22.15 -2.92 7.84
CA ALA D 23 -21.90 -1.49 7.98
C ALA D 23 -20.52 -1.15 7.41
N ALA D 24 -20.50 -0.35 6.35
CA ALA D 24 -19.29 -0.11 5.59
C ALA D 24 -18.65 1.21 6.04
N SER D 25 -17.33 1.25 6.02
CA SER D 25 -16.64 2.49 6.34
C SER D 25 -15.35 2.57 5.53
N GLY D 26 -14.88 3.80 5.32
CA GLY D 26 -13.58 4.03 4.73
C GLY D 26 -13.53 4.10 3.21
N PHE D 27 -14.67 4.05 2.56
CA PHE D 27 -14.73 4.07 1.08
C PHE D 27 -16.02 4.78 0.65
N ALA D 28 -16.18 5.10 -0.63
CA ALA D 28 -17.35 5.84 -1.15
C ALA D 28 -18.66 5.14 -0.85
N PHE D 29 -18.74 3.86 -1.06
CA PHE D 29 -19.93 3.04 -0.71
C PHE D 29 -21.16 3.38 -1.54
N THR D 30 -21.53 4.64 -1.63
CA THR D 30 -22.72 5.06 -2.39
C THR D 30 -22.51 4.83 -3.88
N THR D 31 -21.27 4.75 -4.30
CA THR D 31 -20.80 4.56 -5.68
C THR D 31 -20.52 3.10 -5.99
N TYR D 32 -20.49 2.19 -5.03
CA TYR D 32 -20.12 0.81 -5.32
C TYR D 32 -21.33 -0.13 -5.24
N ALA D 33 -21.28 -1.23 -5.98
CA ALA D 33 -22.23 -2.30 -5.82
C ALA D 33 -21.76 -3.22 -4.69
N MET D 34 -22.72 -3.91 -4.07
CA MET D 34 -22.42 -4.81 -2.98
C MET D 34 -23.00 -6.18 -3.28
N ASN D 35 -22.37 -7.22 -2.70
CA ASN D 35 -22.81 -8.60 -2.84
C ASN D 35 -22.98 -9.23 -1.47
N TRP D 36 -23.66 -10.38 -1.45
CA TRP D 36 -23.64 -11.32 -0.34
C TRP D 36 -23.15 -12.65 -0.87
N VAL D 37 -22.20 -13.27 -0.17
CA VAL D 37 -21.76 -14.61 -0.54
C VAL D 37 -21.83 -15.46 0.72
N ARG D 38 -22.08 -16.74 0.54
CA ARG D 38 -22.26 -17.66 1.66
C ARG D 38 -21.39 -18.89 1.52
N GLN D 39 -21.00 -19.42 2.67
CA GLN D 39 -20.21 -20.65 2.75
C GLN D 39 -20.88 -21.56 3.77
N ALA D 40 -21.24 -22.79 3.32
CA ALA D 40 -21.63 -23.85 4.23
C ALA D 40 -20.39 -24.51 4.84
N PRO D 41 -20.46 -24.93 6.12
CA PRO D 41 -19.26 -25.42 6.82
C PRO D 41 -18.49 -26.50 6.07
N GLY D 42 -17.32 -26.14 5.55
CA GLY D 42 -16.51 -27.04 4.76
C GLY D 42 -17.03 -27.38 3.38
N ARG D 43 -17.66 -26.43 2.67
CA ARG D 43 -18.33 -26.77 1.42
C ARG D 43 -17.95 -25.92 0.20
N GLY D 44 -17.22 -24.82 0.35
CA GLY D 44 -16.95 -23.94 -0.78
C GLY D 44 -17.92 -22.77 -0.84
N LEU D 45 -17.57 -21.78 -1.67
CA LEU D 45 -18.36 -20.55 -1.74
C LEU D 45 -19.49 -20.69 -2.73
N GLU D 46 -20.66 -20.15 -2.38
CA GLU D 46 -21.70 -19.94 -3.38
C GLU D 46 -22.28 -18.54 -3.26
N TRP D 47 -22.34 -17.87 -4.39
CA TRP D 47 -22.84 -16.51 -4.48
C TRP D 47 -24.33 -16.48 -4.19
N VAL D 48 -24.81 -15.38 -3.60
CA VAL D 48 -26.22 -15.27 -3.23
C VAL D 48 -26.91 -14.11 -3.95
N SER D 49 -26.50 -12.88 -3.71
CA SER D 49 -27.16 -11.77 -4.37
C SER D 49 -26.24 -10.56 -4.48
N ALA D 50 -26.59 -9.66 -5.40
CA ALA D 50 -25.92 -8.37 -5.56
C ALA D 50 -26.96 -7.27 -5.74
N ILE D 51 -26.58 -6.08 -5.35
CA ILE D 51 -27.42 -4.89 -5.50
C ILE D 51 -26.53 -3.80 -6.01
N SER D 52 -27.06 -2.95 -6.85
CA SER D 52 -26.33 -1.83 -7.44
C SER D 52 -26.21 -0.65 -6.49
N ASP D 53 -25.54 0.36 -6.97
CA ASP D 53 -25.22 1.68 -6.41
C ASP D 53 -26.33 2.39 -5.64
N GLY D 54 -27.54 2.38 -6.13
CA GLY D 54 -28.57 3.16 -5.42
C GLY D 54 -29.84 2.39 -5.38
N GLY D 55 -29.71 1.11 -5.06
CA GLY D 55 -30.84 0.18 -5.08
C GLY D 55 -31.16 0.02 -6.52
N GLY D 56 -32.40 -0.15 -6.90
CA GLY D 56 -32.68 -0.10 -8.33
C GLY D 56 -32.57 -1.41 -9.06
N SER D 57 -31.42 -2.05 -8.96
CA SER D 57 -31.16 -3.30 -9.68
C SER D 57 -30.71 -4.31 -8.64
N ALA D 58 -31.29 -5.48 -8.67
CA ALA D 58 -30.93 -6.55 -7.75
C ALA D 58 -31.01 -7.89 -8.45
N TYR D 59 -30.12 -8.78 -8.05
CA TYR D 59 -30.00 -10.08 -8.66
C TYR D 59 -29.94 -11.10 -7.55
N TYR D 60 -30.22 -12.35 -7.91
CA TYR D 60 -30.41 -13.42 -6.94
C TYR D 60 -30.10 -14.73 -7.64
N ALA D 61 -29.62 -15.70 -6.87
CA ALA D 61 -29.55 -17.04 -7.41
C ALA D 61 -30.92 -17.68 -7.30
N ASP D 62 -31.21 -18.56 -8.25
CA ASP D 62 -32.58 -19.07 -8.35
C ASP D 62 -32.97 -19.87 -7.11
N SER D 63 -31.98 -20.37 -6.40
CA SER D 63 -32.23 -21.14 -5.16
C SER D 63 -32.83 -20.25 -4.08
N VAL D 64 -32.88 -18.94 -4.25
CA VAL D 64 -33.37 -18.10 -3.13
C VAL D 64 -34.32 -17.02 -3.63
N LYS D 65 -34.68 -17.06 -4.91
CA LYS D 65 -35.53 -15.96 -5.39
C LYS D 65 -36.90 -16.04 -4.73
N GLY D 66 -37.27 -15.01 -3.98
CA GLY D 66 -38.57 -14.93 -3.32
C GLY D 66 -38.46 -14.65 -1.84
N ARG D 67 -37.66 -15.43 -1.14
CA ARG D 67 -37.56 -15.36 0.34
C ARG D 67 -36.49 -14.37 0.75
N PHE D 68 -35.40 -14.36 0.02
CA PHE D 68 -34.27 -13.43 0.31
C PHE D 68 -34.40 -12.15 -0.49
N THR D 69 -34.35 -11.03 0.19
CA THR D 69 -34.33 -9.69 -0.42
C THR D 69 -33.19 -8.85 0.15
N ILE D 70 -32.39 -8.29 -0.76
CA ILE D 70 -31.23 -7.49 -0.41
C ILE D 70 -31.56 -6.04 -0.64
N SER D 71 -31.17 -5.19 0.30
CA SER D 71 -31.41 -3.77 0.22
C SER D 71 -30.24 -3.05 0.88
N ARG D 72 -30.18 -1.73 0.72
CA ARG D 72 -29.15 -0.93 1.36
C ARG D 72 -29.71 0.45 1.63
N ASP D 73 -29.10 1.16 2.58
CA ASP D 73 -29.46 2.53 2.88
C ASP D 73 -28.20 3.37 2.82
N ASN D 74 -28.08 4.17 1.77
CA ASN D 74 -26.84 4.87 1.50
C ASN D 74 -26.56 5.92 2.55
N SER D 75 -27.59 6.52 3.14
CA SER D 75 -27.41 7.55 4.16
C SER D 75 -26.70 6.99 5.39
N LYS D 76 -27.07 5.76 5.79
CA LYS D 76 -26.51 5.07 6.94
C LYS D 76 -25.32 4.18 6.58
N ASN D 77 -24.92 4.15 5.29
CA ASN D 77 -23.75 3.40 4.81
C ASN D 77 -23.87 1.92 5.16
N THR D 78 -25.05 1.35 5.00
CA THR D 78 -25.31 0.00 5.47
C THR D 78 -25.97 -0.82 4.38
N LEU D 79 -25.53 -2.07 4.26
CA LEU D 79 -26.12 -3.06 3.39
C LEU D 79 -26.88 -4.09 4.23
N TYR D 80 -27.87 -4.73 3.62
CA TYR D 80 -28.83 -5.56 4.35
C TYR D 80 -29.16 -6.81 3.55
N LEU D 81 -29.61 -7.85 4.26
CA LEU D 81 -30.12 -9.04 3.58
C LEU D 81 -31.22 -9.66 4.42
N GLN D 82 -32.46 -9.54 3.97
CA GLN D 82 -33.60 -10.13 4.67
C GLN D 82 -33.86 -11.55 4.17
N MET D 83 -33.96 -12.49 5.12
CA MET D 83 -34.15 -13.90 4.80
C MET D 83 -35.50 -14.41 5.30
N ASN D 84 -36.11 -15.31 4.52
CA ASN D 84 -37.42 -15.90 4.82
C ASN D 84 -37.45 -17.35 4.36
N SER D 85 -38.38 -18.12 4.96
CA SER D 85 -38.57 -19.52 4.59
C SER D 85 -37.25 -20.30 4.68
N LEU D 86 -36.52 -20.06 5.78
CA LEU D 86 -35.18 -20.61 5.95
C LEU D 86 -35.23 -22.11 6.22
N ARG D 87 -34.24 -22.83 5.68
CA ARG D 87 -34.17 -24.27 5.78
C ARG D 87 -33.01 -24.69 6.70
N ALA D 88 -32.60 -25.95 6.57
CA ALA D 88 -31.32 -26.41 7.08
C ALA D 88 -30.25 -26.37 6.01
N GLU D 89 -30.65 -26.16 4.76
CA GLU D 89 -29.72 -25.96 3.66
C GLU D 89 -29.26 -24.52 3.54
N ASP D 90 -29.83 -23.60 4.33
CA ASP D 90 -29.38 -22.22 4.35
C ASP D 90 -28.49 -21.91 5.55
N THR D 91 -28.12 -22.92 6.35
CA THR D 91 -27.17 -22.70 7.42
C THR D 91 -25.79 -22.49 6.81
N ALA D 92 -25.17 -21.34 7.09
CA ALA D 92 -23.92 -20.98 6.43
C ALA D 92 -23.33 -19.73 7.05
N VAL D 93 -22.03 -19.48 6.75
CA VAL D 93 -21.40 -18.18 7.02
C VAL D 93 -21.78 -17.23 5.89
N TYR D 94 -22.12 -16.00 6.23
CA TYR D 94 -22.63 -15.04 5.25
C TYR D 94 -21.67 -13.85 5.12
N TYR D 95 -21.16 -13.65 3.92
CA TYR D 95 -20.17 -12.61 3.66
C TYR D 95 -20.76 -11.51 2.80
N CYS D 96 -20.71 -10.27 3.27
CA CYS D 96 -20.90 -9.18 2.33
C CYS D 96 -19.58 -8.89 1.63
N ALA D 97 -19.66 -8.42 0.38
CA ALA D 97 -18.44 -8.04 -0.32
C ALA D 97 -18.76 -6.90 -1.26
N LYS D 98 -17.79 -6.02 -1.43
CA LYS D 98 -17.98 -4.91 -2.35
C LYS D 98 -17.37 -5.27 -3.69
N THR D 99 -18.05 -4.86 -4.77
CA THR D 99 -17.51 -5.20 -6.06
C THR D 99 -16.41 -4.21 -6.42
N ARG D 100 -15.51 -4.64 -7.31
CA ARG D 100 -14.23 -3.95 -7.46
C ARG D 100 -14.37 -2.65 -8.24
N GLY D 101 -15.05 -2.67 -9.37
CA GLY D 101 -15.09 -1.50 -10.23
C GLY D 101 -16.48 -0.91 -10.32
N ARG D 102 -16.56 0.30 -10.86
CA ARG D 102 -17.80 1.01 -11.01
C ARG D 102 -18.11 1.33 -12.46
N GLY D 103 -17.42 0.67 -13.34
CA GLY D 103 -17.74 0.92 -14.73
C GLY D 103 -18.89 0.06 -15.18
N LEU D 104 -19.65 0.52 -16.13
CA LEU D 104 -20.65 -0.35 -16.76
C LEU D 104 -19.67 -1.35 -17.31
N TYR D 105 -19.98 -2.65 -17.32
CA TYR D 105 -19.15 -3.84 -17.67
C TYR D 105 -18.28 -4.30 -16.52
N ASP D 106 -18.29 -3.54 -15.45
CA ASP D 106 -17.83 -4.06 -14.15
C ASP D 106 -19.15 -4.46 -13.52
N TYR D 107 -19.65 -5.63 -13.85
CA TYR D 107 -21.01 -6.00 -13.44
C TYR D 107 -21.19 -6.02 -11.93
N VAL D 108 -22.38 -5.69 -11.50
CA VAL D 108 -22.65 -5.58 -10.07
C VAL D 108 -22.47 -6.90 -9.34
N TRP D 109 -22.46 -8.02 -10.04
CA TRP D 109 -22.28 -9.33 -9.42
C TRP D 109 -20.85 -9.83 -9.55
N GLY D 110 -19.93 -8.99 -10.03
CA GLY D 110 -18.65 -9.49 -10.47
C GLY D 110 -17.59 -9.55 -9.40
N SER D 111 -16.39 -9.03 -9.72
CA SER D 111 -15.22 -9.17 -8.87
C SER D 111 -15.41 -8.51 -7.51
N LYS D 112 -15.00 -9.20 -6.45
CA LYS D 112 -15.32 -8.83 -5.08
C LYS D 112 -14.03 -8.45 -4.37
N ASP D 113 -13.93 -7.18 -4.03
CA ASP D 113 -12.70 -6.47 -3.73
C ASP D 113 -12.27 -6.60 -2.25
N TYR D 114 -13.17 -6.30 -1.32
CA TYR D 114 -12.94 -6.49 0.11
C TYR D 114 -14.14 -7.22 0.68
N TRP D 115 -13.88 -8.17 1.56
CA TRP D 115 -14.93 -9.02 2.14
C TRP D 115 -14.99 -8.78 3.64
N GLY D 116 -16.20 -8.91 4.19
CA GLY D 116 -16.38 -8.74 5.61
C GLY D 116 -15.99 -9.98 6.39
N GLN D 117 -15.95 -9.80 7.71
CA GLN D 117 -15.53 -10.87 8.62
C GLN D 117 -16.36 -12.13 8.46
N GLY D 118 -17.67 -11.99 8.28
CA GLY D 118 -18.52 -13.18 8.23
C GLY D 118 -19.35 -13.35 9.49
N THR D 119 -20.62 -13.70 9.29
CA THR D 119 -21.54 -13.93 10.40
C THR D 119 -22.29 -15.24 10.16
N LEU D 120 -22.28 -16.11 11.15
CA LEU D 120 -22.84 -17.45 10.96
C LEU D 120 -24.32 -17.45 11.29
N VAL D 121 -25.11 -18.01 10.37
CA VAL D 121 -26.55 -18.20 10.51
C VAL D 121 -26.81 -19.70 10.39
N THR D 122 -27.26 -20.24 11.51
CA THR D 122 -27.61 -21.66 11.70
C THR D 122 -29.13 -21.78 11.74
N VAL D 123 -29.67 -22.90 11.29
CA VAL D 123 -31.13 -23.04 11.16
C VAL D 123 -31.52 -24.47 11.58
N SER D 124 -32.14 -24.66 12.74
CA SER D 124 -32.57 -26.02 13.21
C SER D 124 -33.59 -25.91 14.34
N SER D 125 -34.29 -27.02 14.67
CA SER D 125 -35.19 -26.90 15.83
C SER D 125 -34.14 -26.70 16.91
N ALA D 126 -34.16 -25.52 17.52
CA ALA D 126 -33.09 -24.98 18.40
C ALA D 126 -32.86 -25.57 19.78
N SER D 127 -31.77 -25.08 20.33
CA SER D 127 -31.12 -25.40 21.61
C SER D 127 -30.18 -24.21 21.72
N THR D 128 -30.30 -23.34 22.71
CA THR D 128 -29.38 -22.18 22.67
C THR D 128 -28.76 -22.02 24.05
N LYS D 129 -27.76 -22.84 24.33
CA LYS D 129 -27.17 -22.86 25.68
C LYS D 129 -25.74 -22.36 25.68
N GLY D 130 -25.42 -21.48 26.63
CA GLY D 130 -24.05 -21.04 26.94
C GLY D 130 -23.39 -22.23 27.57
N PRO D 131 -21.97 -22.62 27.32
CA PRO D 131 -21.17 -23.81 27.61
C PRO D 131 -20.70 -23.86 29.06
N SER D 132 -20.18 -25.02 29.43
CA SER D 132 -19.44 -25.20 30.66
C SER D 132 -17.95 -25.15 30.32
N VAL D 133 -17.21 -24.32 31.03
CA VAL D 133 -15.78 -24.18 30.83
C VAL D 133 -15.05 -24.94 31.94
N PHE D 134 -14.17 -25.86 31.54
CA PHE D 134 -13.40 -26.67 32.46
C PHE D 134 -11.91 -26.49 32.22
N PRO D 135 -11.10 -26.39 33.27
CA PRO D 135 -9.65 -26.25 33.09
C PRO D 135 -8.99 -27.51 32.54
N LEU D 136 -7.94 -27.29 31.77
CA LEU D 136 -7.00 -28.34 31.34
C LEU D 136 -5.69 -28.03 32.04
N ALA D 137 -5.33 -28.86 33.00
CA ALA D 137 -4.36 -28.52 34.04
C ALA D 137 -2.94 -28.68 33.52
N PRO D 138 -2.09 -27.65 33.63
CA PRO D 138 -0.74 -27.68 33.02
C PRO D 138 0.05 -28.97 33.14
N SER D 139 0.47 -29.51 31.99
CA SER D 139 1.22 -30.77 31.90
C SER D 139 2.70 -30.46 32.12
N SER D 140 3.14 -30.63 33.37
CA SER D 140 4.45 -30.22 33.82
C SER D 140 5.46 -31.34 33.62
N LYS D 141 6.69 -30.94 33.47
CA LYS D 141 7.88 -31.78 33.58
C LYS D 141 8.86 -31.24 34.62
N SER D 142 9.01 -29.92 34.69
CA SER D 142 9.76 -29.26 35.74
C SER D 142 9.16 -27.87 35.95
N THR D 143 9.87 -27.04 36.69
CA THR D 143 9.58 -25.61 36.66
C THR D 143 10.81 -24.75 36.61
N SER D 144 12.02 -25.29 36.77
CA SER D 144 13.21 -24.52 36.41
C SER D 144 13.14 -24.12 34.95
N GLY D 145 12.93 -25.09 34.07
CA GLY D 145 12.72 -24.85 32.66
C GLY D 145 11.75 -25.85 32.09
N GLY D 146 11.74 -25.96 30.76
CA GLY D 146 10.80 -26.80 30.06
C GLY D 146 9.65 -26.00 29.48
N THR D 147 8.80 -26.71 28.75
CA THR D 147 7.61 -26.11 28.18
C THR D 147 6.40 -26.87 28.68
N ALA D 148 5.33 -26.13 29.00
CA ALA D 148 4.11 -26.65 29.56
C ALA D 148 2.92 -26.26 28.69
N ALA D 149 1.91 -27.13 28.67
CA ALA D 149 0.70 -26.93 27.90
C ALA D 149 -0.48 -26.84 28.86
N LEU D 150 -1.33 -25.83 28.68
CA LEU D 150 -2.52 -25.67 29.50
C LEU D 150 -3.65 -25.23 28.59
N GLY D 151 -4.88 -25.33 29.05
CA GLY D 151 -5.95 -25.00 28.14
C GLY D 151 -7.33 -25.08 28.75
N CYS D 152 -8.32 -25.03 27.86
CA CYS D 152 -9.70 -24.83 28.25
C CYS D 152 -10.57 -25.76 27.43
N LEU D 153 -11.29 -26.61 28.12
CA LEU D 153 -12.35 -27.40 27.52
C LEU D 153 -13.62 -26.57 27.57
N VAL D 154 -14.23 -26.34 26.42
CA VAL D 154 -15.49 -25.63 26.31
C VAL D 154 -16.52 -26.68 25.95
N LYS D 155 -17.22 -27.18 26.97
CA LYS D 155 -18.08 -28.37 26.78
C LYS D 155 -19.58 -28.05 26.71
N ASP D 156 -20.21 -28.67 25.73
CA ASP D 156 -21.67 -28.70 25.45
C ASP D 156 -22.22 -27.32 25.15
N TYR D 157 -22.28 -26.97 23.88
CA TYR D 157 -22.85 -25.66 23.55
C TYR D 157 -23.59 -25.77 22.23
N PHE D 158 -24.45 -24.78 22.03
CA PHE D 158 -25.35 -24.63 20.85
C PHE D 158 -26.04 -23.27 20.91
N PRO D 159 -25.82 -22.54 19.64
CA PRO D 159 -25.24 -22.92 18.34
C PRO D 159 -23.75 -22.60 18.28
N GLU D 160 -23.23 -22.49 17.08
CA GLU D 160 -21.91 -21.91 16.91
C GLU D 160 -22.03 -20.40 16.76
N PRO D 161 -20.93 -19.65 16.92
CA PRO D 161 -19.58 -20.05 17.28
C PRO D 161 -19.28 -19.82 18.76
N VAL D 162 -18.05 -20.15 19.13
CA VAL D 162 -17.52 -19.77 20.45
C VAL D 162 -16.17 -19.13 20.18
N THR D 163 -15.85 -18.09 20.91
CA THR D 163 -14.54 -17.47 20.69
C THR D 163 -13.72 -17.63 21.95
N VAL D 164 -12.43 -17.80 21.80
CA VAL D 164 -11.57 -17.98 22.99
C VAL D 164 -10.39 -17.04 22.84
N SER D 165 -10.08 -16.29 23.87
CA SER D 165 -8.89 -15.47 23.96
C SER D 165 -8.18 -15.82 25.25
N TRP D 166 -6.93 -15.43 25.37
CA TRP D 166 -6.12 -15.82 26.51
C TRP D 166 -5.48 -14.56 27.08
N ASN D 167 -5.68 -14.33 28.39
CA ASN D 167 -5.33 -13.06 29.02
C ASN D 167 -5.91 -11.90 28.23
N SER D 168 -7.16 -12.07 27.79
CA SER D 168 -7.98 -11.06 27.11
C SER D 168 -7.43 -10.62 25.75
N GLY D 169 -6.28 -11.16 25.34
CA GLY D 169 -5.73 -10.82 24.04
C GLY D 169 -4.23 -10.67 24.06
N ALA D 170 -3.64 -10.51 25.26
CA ALA D 170 -2.19 -10.39 25.35
C ALA D 170 -1.49 -11.67 24.96
N LEU D 171 -2.09 -12.83 25.22
CA LEU D 171 -1.46 -14.11 24.89
C LEU D 171 -2.00 -14.58 23.55
N THR D 172 -1.11 -14.69 22.54
CA THR D 172 -1.50 -15.21 21.24
C THR D 172 -0.51 -16.19 20.64
N SER D 173 0.79 -16.11 20.95
CA SER D 173 1.75 -17.07 20.44
C SER D 173 1.65 -18.37 21.25
N GLY D 174 1.56 -19.49 20.52
CA GLY D 174 1.43 -20.80 21.09
C GLY D 174 0.02 -21.33 21.08
N VAL D 175 -0.95 -20.46 20.82
CA VAL D 175 -2.35 -20.78 21.02
C VAL D 175 -2.85 -21.66 19.86
N HIS D 176 -3.60 -22.70 20.19
CA HIS D 176 -4.28 -23.53 19.20
C HIS D 176 -5.71 -23.68 19.68
N THR D 177 -6.67 -23.03 19.02
CA THR D 177 -8.07 -23.27 19.35
C THR D 177 -8.62 -24.31 18.38
N PHE D 178 -9.21 -25.36 18.93
CA PHE D 178 -9.46 -26.44 17.99
C PHE D 178 -10.82 -26.30 17.33
N PRO D 179 -10.97 -26.80 16.10
CA PRO D 179 -12.30 -26.79 15.47
C PRO D 179 -13.28 -27.58 16.32
N ALA D 180 -14.47 -27.01 16.51
CA ALA D 180 -15.49 -27.66 17.32
C ALA D 180 -15.85 -29.02 16.74
N VAL D 181 -16.33 -29.90 17.62
CA VAL D 181 -16.87 -31.17 17.18
C VAL D 181 -18.29 -31.30 17.72
N LEU D 182 -19.11 -32.02 16.97
CA LEU D 182 -20.46 -32.38 17.38
C LEU D 182 -20.42 -33.80 17.96
N GLN D 183 -21.07 -33.98 19.10
CA GLN D 183 -20.99 -35.24 19.81
C GLN D 183 -22.25 -36.08 19.55
N SER D 184 -22.54 -37.03 20.44
CA SER D 184 -23.73 -37.86 20.30
C SER D 184 -24.99 -37.02 20.40
N SER D 185 -25.06 -36.16 21.41
CA SER D 185 -26.08 -35.13 21.39
C SER D 185 -25.74 -34.08 20.33
N GLY D 186 -26.68 -33.22 19.99
CA GLY D 186 -26.38 -32.22 18.94
C GLY D 186 -25.63 -31.04 19.51
N LEU D 187 -24.92 -31.23 20.61
CA LEU D 187 -24.16 -30.15 21.24
C LEU D 187 -22.72 -30.15 20.75
N TYR D 188 -22.14 -28.95 20.69
CA TYR D 188 -20.76 -28.80 20.25
C TYR D 188 -19.81 -28.80 21.45
N SER D 189 -18.54 -29.08 21.17
CA SER D 189 -17.48 -29.01 22.17
C SER D 189 -16.15 -28.76 21.47
N LEU D 190 -15.41 -27.76 21.94
CA LEU D 190 -14.06 -27.53 21.44
C LEU D 190 -13.10 -27.34 22.60
N SER D 191 -11.83 -27.55 22.31
CA SER D 191 -10.75 -27.27 23.25
C SER D 191 -9.88 -26.16 22.69
N SER D 192 -9.41 -25.27 23.56
CA SER D 192 -8.32 -24.35 23.24
C SER D 192 -7.13 -24.71 24.12
N VAL D 193 -5.92 -24.61 23.57
CA VAL D 193 -4.71 -24.91 24.33
C VAL D 193 -3.66 -23.86 23.99
N VAL D 194 -2.61 -23.83 24.79
CA VAL D 194 -1.54 -22.87 24.61
C VAL D 194 -0.28 -23.43 25.27
N THR D 195 0.87 -23.12 24.69
CA THR D 195 2.15 -23.56 25.20
C THR D 195 2.89 -22.34 25.73
N VAL D 196 3.54 -22.50 26.87
CA VAL D 196 4.16 -21.39 27.59
C VAL D 196 5.39 -21.95 28.30
N PRO D 197 6.37 -21.13 28.67
CA PRO D 197 7.53 -21.65 29.41
C PRO D 197 7.10 -22.29 30.72
N SER D 198 7.56 -23.53 30.94
CA SER D 198 7.16 -24.28 32.13
C SER D 198 7.45 -23.54 33.41
N SER D 199 8.35 -22.57 33.35
CA SER D 199 8.80 -21.88 34.54
C SER D 199 7.92 -20.68 34.87
N SER D 200 7.14 -20.19 33.92
CA SER D 200 6.35 -18.98 34.14
C SER D 200 4.97 -19.29 34.72
N LEU D 201 4.71 -20.55 35.06
CA LEU D 201 3.41 -20.87 35.66
C LEU D 201 3.25 -20.23 37.03
N GLY D 202 4.35 -19.85 37.68
CA GLY D 202 4.30 -19.19 38.98
C GLY D 202 4.16 -17.69 38.94
N THR D 203 4.51 -17.04 37.83
CA THR D 203 4.57 -15.58 37.80
C THR D 203 3.49 -14.93 36.97
N GLN D 204 2.88 -15.64 36.02
CA GLN D 204 1.83 -15.08 35.19
C GLN D 204 0.59 -15.94 35.35
N THR D 205 -0.56 -15.28 35.50
CA THR D 205 -1.82 -15.96 35.66
C THR D 205 -2.46 -16.18 34.28
N TYR D 206 -2.74 -17.44 33.94
CA TYR D 206 -3.25 -17.80 32.61
C TYR D 206 -4.76 -17.97 32.68
N ILE D 207 -5.50 -17.02 32.12
CA ILE D 207 -6.95 -17.02 32.12
C ILE D 207 -7.44 -17.14 30.68
N CYS D 208 -8.43 -17.99 30.44
CA CYS D 208 -9.04 -18.05 29.13
C CYS D 208 -10.41 -17.36 29.19
N ASN D 209 -10.65 -16.46 28.23
CA ASN D 209 -11.84 -15.61 28.11
C ASN D 209 -12.70 -16.24 27.03
N VAL D 210 -13.60 -17.13 27.43
CA VAL D 210 -14.54 -17.77 26.51
C VAL D 210 -15.75 -16.86 26.36
N ASN D 211 -16.08 -16.49 25.11
CA ASN D 211 -17.18 -15.57 24.85
C ASN D 211 -18.12 -16.17 23.80
N HIS D 212 -19.09 -16.95 24.25
CA HIS D 212 -20.21 -17.38 23.44
C HIS D 212 -21.29 -16.32 23.60
N LYS D 213 -21.34 -15.50 22.58
CA LYS D 213 -22.19 -14.32 22.72
C LYS D 213 -23.63 -14.66 22.45
N PRO D 214 -24.19 -15.75 21.56
CA PRO D 214 -25.58 -15.97 21.19
C PRO D 214 -26.43 -16.49 22.36
N SER D 215 -25.88 -16.51 23.58
CA SER D 215 -26.45 -16.93 24.88
C SER D 215 -25.82 -16.06 25.96
N ASN D 216 -25.25 -14.92 25.57
CA ASN D 216 -24.57 -13.92 26.43
C ASN D 216 -23.78 -14.60 27.55
N THR D 217 -22.78 -15.39 27.19
CA THR D 217 -22.08 -16.22 28.17
C THR D 217 -20.59 -15.90 28.15
N LYS D 218 -20.21 -14.72 28.62
CA LYS D 218 -18.81 -14.39 28.77
C LYS D 218 -18.31 -14.94 30.11
N VAL D 219 -17.33 -15.84 30.05
CA VAL D 219 -16.76 -16.52 31.22
C VAL D 219 -15.25 -16.33 31.19
N ASP D 220 -14.64 -16.26 32.38
CA ASP D 220 -13.22 -15.96 32.50
C ASP D 220 -12.62 -16.89 33.55
N LYS D 221 -12.19 -18.09 33.13
CA LYS D 221 -11.68 -19.08 34.08
C LYS D 221 -10.17 -19.05 34.16
N LYS D 222 -9.64 -18.66 35.33
CA LYS D 222 -8.24 -18.91 35.61
C LYS D 222 -7.96 -20.40 35.56
N VAL D 223 -6.80 -20.75 35.00
CA VAL D 223 -6.39 -22.14 34.84
C VAL D 223 -5.11 -22.29 35.65
N GLU D 224 -5.15 -23.11 36.70
CA GLU D 224 -4.04 -23.27 37.64
C GLU D 224 -3.64 -24.74 37.74
N PRO D 225 -2.41 -25.02 38.16
CA PRO D 225 -1.92 -26.40 38.23
C PRO D 225 -2.61 -27.24 39.31
N LYS D 226 -2.23 -28.53 39.30
CA LYS D 226 -2.68 -29.51 40.27
C LYS D 226 -1.48 -30.36 40.68
N SER D 227 -1.71 -31.23 41.65
CA SER D 227 -0.69 -32.14 42.15
C SER D 227 -1.33 -33.18 43.06
N ASP E 1 -26.15 -22.29 -15.71
CA ASP E 1 -25.02 -21.95 -14.85
C ASP E 1 -23.70 -22.37 -15.49
N ILE E 2 -22.70 -21.49 -15.43
CA ILE E 2 -21.37 -21.84 -15.95
C ILE E 2 -20.70 -22.79 -14.96
N VAL E 3 -20.10 -23.86 -15.47
CA VAL E 3 -19.42 -24.85 -14.64
C VAL E 3 -17.95 -24.51 -14.58
N MET E 4 -17.40 -24.45 -13.37
CA MET E 4 -15.98 -24.22 -13.14
C MET E 4 -15.36 -25.47 -12.53
N THR E 5 -14.31 -26.00 -13.17
CA THR E 5 -13.57 -27.13 -12.63
C THR E 5 -12.10 -26.76 -12.53
N GLN E 6 -11.54 -26.85 -11.32
CA GLN E 6 -10.12 -26.61 -11.12
C GLN E 6 -9.38 -27.95 -11.04
N SER E 7 -8.08 -27.89 -11.23
CA SER E 7 -7.28 -29.07 -11.09
C SER E 7 -5.90 -28.60 -10.68
N PRO E 8 -5.30 -29.20 -9.65
CA PRO E 8 -5.82 -30.33 -8.89
C PRO E 8 -6.57 -29.84 -7.67
N LEU E 9 -7.14 -30.74 -6.86
CA LEU E 9 -7.82 -30.30 -5.65
C LEU E 9 -6.88 -30.26 -4.45
N SER E 10 -5.70 -30.86 -4.54
CA SER E 10 -4.74 -30.88 -3.44
C SER E 10 -3.36 -30.60 -4.03
N LEU E 11 -2.75 -29.51 -3.61
CA LEU E 11 -1.46 -29.08 -4.16
C LEU E 11 -0.44 -29.03 -3.03
N PRO E 12 0.34 -30.08 -2.84
CA PRO E 12 1.45 -30.00 -1.87
C PRO E 12 2.66 -29.37 -2.54
N VAL E 13 3.29 -28.42 -1.86
CA VAL E 13 4.39 -27.62 -2.41
C VAL E 13 5.43 -27.36 -1.33
N THR E 14 6.67 -27.24 -1.77
CA THR E 14 7.76 -26.88 -0.86
C THR E 14 8.02 -25.38 -0.94
N PRO E 15 8.29 -24.70 0.16
CA PRO E 15 8.57 -23.26 0.05
C PRO E 15 9.74 -23.01 -0.89
N GLY E 16 9.65 -21.90 -1.63
CA GLY E 16 10.60 -21.54 -2.66
C GLY E 16 10.33 -22.17 -4.00
N GLU E 17 9.40 -23.16 -4.09
CA GLU E 17 9.08 -23.77 -5.38
C GLU E 17 7.86 -23.08 -5.98
N PRO E 18 7.62 -23.26 -7.27
CA PRO E 18 6.39 -22.74 -7.87
C PRO E 18 5.20 -23.68 -7.69
N ALA E 19 4.03 -23.07 -7.75
CA ALA E 19 2.76 -23.77 -7.70
C ALA E 19 1.91 -23.22 -8.82
N SER E 20 1.01 -24.06 -9.31
CA SER E 20 0.18 -23.62 -10.42
C SER E 20 -1.11 -24.42 -10.40
N ILE E 21 -2.22 -23.71 -10.65
CA ILE E 21 -3.58 -24.19 -10.47
C ILE E 21 -4.34 -23.84 -11.75
N SER E 22 -5.00 -24.82 -12.34
CA SER E 22 -5.70 -24.64 -13.60
C SER E 22 -7.19 -24.64 -13.35
N CYS E 23 -7.88 -23.71 -14.01
CA CYS E 23 -9.32 -23.61 -14.01
C CYS E 23 -9.80 -23.79 -15.45
N ARG E 24 -11.00 -24.35 -15.61
CA ARG E 24 -11.66 -24.51 -16.90
C ARG E 24 -13.13 -24.22 -16.74
N SER E 25 -13.71 -23.46 -17.68
CA SER E 25 -15.14 -23.18 -17.65
C SER E 25 -15.82 -23.82 -18.84
N SER E 26 -17.10 -24.13 -18.67
CA SER E 26 -17.88 -24.82 -19.69
C SER E 26 -18.29 -23.88 -20.82
N GLN E 27 -18.50 -22.59 -20.50
CA GLN E 27 -18.79 -21.55 -21.47
C GLN E 27 -17.61 -20.60 -21.56
N SER E 28 -17.43 -19.99 -22.73
CA SER E 28 -16.34 -19.04 -22.88
C SER E 28 -16.60 -17.79 -22.05
N LEU E 29 -15.53 -17.28 -21.43
CA LEU E 29 -15.59 -16.10 -20.60
C LEU E 29 -14.95 -14.90 -21.26
N LEU E 30 -14.62 -15.03 -22.51
CA LEU E 30 -13.98 -13.92 -23.22
C LEU E 30 -15.04 -12.92 -23.58
N HIS E 31 -14.60 -11.69 -23.41
CA HIS E 31 -15.12 -10.37 -23.78
C HIS E 31 -16.51 -10.05 -23.37
N SER E 32 -16.60 -9.15 -22.43
CA SER E 32 -17.84 -8.40 -22.41
C SER E 32 -17.49 -7.02 -22.98
N ASN E 33 -16.24 -6.83 -23.49
CA ASN E 33 -15.49 -5.67 -24.03
C ASN E 33 -14.05 -6.00 -24.47
N GLY E 34 -13.54 -7.21 -24.29
CA GLY E 34 -12.16 -7.56 -24.68
C GLY E 34 -11.41 -8.27 -23.56
N TYR E 35 -12.02 -8.38 -22.39
CA TYR E 35 -11.35 -8.99 -21.23
C TYR E 35 -11.91 -10.37 -20.92
N ASN E 36 -11.23 -11.09 -20.05
CA ASN E 36 -11.65 -12.43 -19.58
C ASN E 36 -12.28 -12.29 -18.21
N TYR E 37 -13.51 -12.72 -18.04
CA TYR E 37 -14.18 -12.53 -16.74
C TYR E 37 -13.89 -13.69 -15.79
N LEU E 38 -12.62 -13.84 -15.46
CA LEU E 38 -12.17 -14.86 -14.52
C LEU E 38 -11.49 -14.19 -13.33
N ASP E 39 -11.86 -14.62 -12.11
CA ASP E 39 -11.28 -14.12 -10.86
C ASP E 39 -10.62 -15.27 -10.08
N TRP E 40 -9.59 -14.96 -9.30
CA TRP E 40 -8.98 -15.93 -8.40
C TRP E 40 -9.07 -15.41 -6.96
N TYR E 41 -9.71 -16.18 -6.09
CA TYR E 41 -9.81 -15.83 -4.68
C TYR E 41 -8.97 -16.80 -3.85
N LEU E 42 -8.42 -16.31 -2.73
CA LEU E 42 -7.74 -17.18 -1.77
C LEU E 42 -8.45 -17.04 -0.43
N GLN E 43 -8.59 -18.15 0.29
CA GLN E 43 -9.17 -18.14 1.63
C GLN E 43 -8.21 -18.78 2.63
N LYS E 44 -7.53 -17.95 3.40
CA LYS E 44 -6.65 -18.48 4.42
C LYS E 44 -7.49 -19.08 5.55
N PRO E 45 -6.88 -19.97 6.35
CA PRO E 45 -7.63 -20.63 7.45
C PRO E 45 -8.17 -19.63 8.46
N GLY E 46 -9.50 -19.66 8.65
CA GLY E 46 -10.15 -18.79 9.60
C GLY E 46 -10.44 -17.38 9.12
N GLN E 47 -10.25 -17.10 7.84
CA GLN E 47 -10.34 -15.74 7.35
C GLN E 47 -11.37 -15.68 6.23
N SER E 48 -11.64 -14.50 5.80
CA SER E 48 -12.55 -14.38 4.69
C SER E 48 -11.78 -14.48 3.38
N PRO E 49 -12.45 -14.81 2.27
CA PRO E 49 -11.78 -14.77 0.98
C PRO E 49 -11.22 -13.39 0.69
N GLN E 50 -10.06 -13.35 0.01
CA GLN E 50 -9.46 -12.15 -0.54
C GLN E 50 -9.27 -12.30 -2.03
N LEU E 51 -9.49 -11.21 -2.77
CA LEU E 51 -9.25 -11.19 -4.21
C LEU E 51 -7.76 -11.20 -4.51
N LEU E 52 -7.34 -12.07 -5.44
CA LEU E 52 -5.97 -12.10 -5.96
C LEU E 52 -5.85 -11.54 -7.36
N ILE E 53 -6.65 -12.09 -8.28
CA ILE E 53 -6.63 -11.79 -9.70
C ILE E 53 -8.05 -11.48 -10.12
N TYR E 54 -8.22 -10.44 -10.93
CA TYR E 54 -9.49 -10.14 -11.53
C TYR E 54 -9.30 -9.90 -13.02
N LEU E 55 -10.39 -10.05 -13.79
CA LEU E 55 -10.36 -9.95 -15.24
C LEU E 55 -9.17 -10.73 -15.83
N GLY E 56 -8.93 -11.91 -15.30
CA GLY E 56 -8.01 -12.86 -15.90
C GLY E 56 -6.60 -12.82 -15.47
N SER E 57 -5.99 -11.65 -15.56
CA SER E 57 -4.56 -11.54 -15.26
C SER E 57 -4.18 -10.26 -14.50
N ASN E 58 -5.15 -9.48 -14.02
CA ASN E 58 -4.85 -8.27 -13.25
C ASN E 58 -4.69 -8.59 -11.78
N ARG E 59 -3.55 -8.18 -11.22
CA ARG E 59 -3.25 -8.33 -9.80
C ARG E 59 -4.07 -7.33 -9.00
N ALA E 60 -4.75 -7.81 -7.97
CA ALA E 60 -5.53 -6.93 -7.12
C ALA E 60 -4.61 -6.06 -6.30
N SER E 61 -5.19 -5.05 -5.65
CA SER E 61 -4.38 -4.10 -4.89
C SER E 61 -3.69 -4.78 -3.72
N GLY E 62 -2.37 -4.61 -3.65
CA GLY E 62 -1.65 -5.17 -2.53
C GLY E 62 -1.35 -6.65 -2.62
N VAL E 63 -1.76 -7.33 -3.69
CA VAL E 63 -1.43 -8.75 -3.81
C VAL E 63 0.02 -8.86 -4.22
N PRO E 64 0.79 -9.81 -3.70
CA PRO E 64 2.22 -9.85 -4.01
C PRO E 64 2.47 -10.12 -5.48
N ASP E 65 3.60 -9.62 -5.98
CA ASP E 65 3.94 -9.82 -7.39
C ASP E 65 4.18 -11.28 -7.74
N ARG E 66 4.46 -12.12 -6.75
CA ARG E 66 4.64 -13.56 -6.98
C ARG E 66 3.38 -14.25 -7.46
N PHE E 67 2.25 -13.55 -7.51
CA PHE E 67 0.99 -14.14 -7.95
C PHE E 67 0.70 -13.67 -9.36
N SER E 68 0.19 -14.58 -10.18
CA SER E 68 0.00 -14.21 -11.58
C SER E 68 -1.03 -15.13 -12.20
N GLY E 69 -1.83 -14.56 -13.09
CA GLY E 69 -2.88 -15.28 -13.77
C GLY E 69 -2.71 -15.16 -15.27
N SER E 70 -3.16 -16.19 -15.99
CA SER E 70 -2.94 -16.24 -17.43
C SER E 70 -3.99 -17.15 -18.04
N GLY E 71 -4.16 -17.02 -19.35
CA GLY E 71 -5.07 -17.85 -20.10
C GLY E 71 -6.21 -17.04 -20.68
N SER E 72 -7.01 -17.71 -21.50
CA SER E 72 -7.99 -17.00 -22.31
C SER E 72 -9.12 -17.95 -22.72
N GLY E 73 -10.30 -17.39 -22.85
CA GLY E 73 -11.44 -18.13 -23.34
C GLY E 73 -11.98 -19.08 -22.31
N THR E 74 -11.39 -20.28 -22.25
CA THR E 74 -11.91 -21.33 -21.39
C THR E 74 -10.88 -21.96 -20.45
N ASP E 75 -9.58 -21.84 -20.71
CA ASP E 75 -8.56 -22.45 -19.87
C ASP E 75 -7.71 -21.36 -19.21
N PHE E 76 -7.73 -21.32 -17.87
CA PHE E 76 -7.05 -20.30 -17.09
C PHE E 76 -6.11 -20.94 -16.08
N THR E 77 -5.05 -20.20 -15.73
CA THR E 77 -3.99 -20.66 -14.83
C THR E 77 -3.64 -19.57 -13.83
N LEU E 78 -3.62 -19.92 -12.53
CA LEU E 78 -3.02 -19.09 -11.49
C LEU E 78 -1.65 -19.66 -11.12
N LYS E 79 -0.62 -18.82 -11.10
CA LYS E 79 0.75 -19.27 -10.87
C LYS E 79 1.34 -18.55 -9.68
N ILE E 80 1.96 -19.28 -8.77
CA ILE E 80 2.66 -18.70 -7.64
C ILE E 80 4.15 -18.92 -7.85
N SER E 81 4.87 -17.86 -8.24
CA SER E 81 6.25 -18.02 -8.68
C SER E 81 7.11 -18.60 -7.57
N ARG E 82 6.85 -18.22 -6.33
CA ARG E 82 7.55 -18.82 -5.20
C ARG E 82 6.59 -18.91 -4.04
N VAL E 83 6.26 -20.14 -3.64
CA VAL E 83 5.33 -20.35 -2.56
C VAL E 83 6.00 -20.02 -1.22
N GLU E 84 5.28 -19.27 -0.38
CA GLU E 84 5.67 -19.04 1.00
C GLU E 84 4.68 -19.72 1.95
N ALA E 85 5.18 -20.05 3.15
CA ALA E 85 4.35 -20.66 4.19
C ALA E 85 3.03 -19.91 4.40
N GLU E 86 3.04 -18.56 4.39
CA GLU E 86 1.82 -17.75 4.53
C GLU E 86 0.88 -17.89 3.37
N ASP E 87 1.12 -18.73 2.36
CA ASP E 87 0.16 -18.91 1.27
C ASP E 87 -0.80 -20.09 1.50
N VAL E 88 -0.68 -20.81 2.61
CA VAL E 88 -1.53 -21.98 2.80
C VAL E 88 -3.00 -21.54 2.89
N GLY E 89 -3.85 -22.26 2.18
CA GLY E 89 -5.25 -21.93 2.11
C GLY E 89 -5.88 -22.62 0.92
N VAL E 90 -7.13 -22.30 0.69
CA VAL E 90 -7.89 -22.83 -0.43
C VAL E 90 -8.03 -21.74 -1.48
N TYR E 91 -7.74 -22.08 -2.73
CA TYR E 91 -7.80 -21.14 -3.84
C TYR E 91 -9.00 -21.49 -4.71
N TYR E 92 -9.87 -20.51 -4.96
CA TYR E 92 -11.05 -20.67 -5.81
C TYR E 92 -10.93 -19.78 -7.03
N CYS E 93 -11.31 -20.31 -8.18
CA CYS E 93 -11.61 -19.45 -9.31
C CYS E 93 -13.09 -19.11 -9.31
N MET E 94 -13.44 -18.03 -10.01
CA MET E 94 -14.82 -17.62 -10.14
C MET E 94 -15.02 -16.89 -11.45
N GLN E 95 -16.14 -17.17 -12.11
CA GLN E 95 -16.54 -16.40 -13.28
C GLN E 95 -17.33 -15.18 -12.82
N ALA E 96 -17.16 -14.09 -13.56
CA ALA E 96 -17.78 -12.81 -13.22
C ALA E 96 -18.62 -12.28 -14.37
N LEU E 97 -18.93 -13.16 -15.34
CA LEU E 97 -19.70 -12.79 -16.53
C LEU E 97 -21.21 -12.85 -16.27
N GLN E 98 -21.76 -14.05 -16.14
CA GLN E 98 -23.22 -14.20 -16.18
C GLN E 98 -23.79 -14.29 -14.77
N THR E 99 -25.12 -14.19 -14.69
CA THR E 99 -25.76 -13.77 -13.44
C THR E 99 -25.51 -14.71 -12.28
N PRO E 100 -25.66 -16.06 -12.40
CA PRO E 100 -25.30 -16.87 -11.23
C PRO E 100 -23.78 -16.94 -11.12
N GLY E 101 -23.19 -16.17 -10.20
CA GLY E 101 -21.76 -16.28 -9.97
C GLY E 101 -21.44 -17.68 -9.49
N THR E 102 -20.49 -18.33 -10.12
CA THR E 102 -20.18 -19.70 -9.74
C THR E 102 -18.69 -19.86 -9.51
N PHE E 103 -18.32 -20.62 -8.48
CA PHE E 103 -16.94 -20.88 -8.13
C PHE E 103 -16.52 -22.30 -8.50
N GLY E 104 -15.21 -22.52 -8.52
CA GLY E 104 -14.68 -23.85 -8.58
C GLY E 104 -14.74 -24.56 -7.23
N GLN E 105 -14.39 -25.85 -7.26
CA GLN E 105 -14.47 -26.68 -6.04
C GLN E 105 -13.48 -26.23 -4.99
N GLY E 106 -12.34 -25.69 -5.41
CA GLY E 106 -11.29 -25.19 -4.56
C GLY E 106 -10.04 -26.04 -4.66
N THR E 107 -8.90 -25.42 -4.44
CA THR E 107 -7.59 -26.08 -4.50
C THR E 107 -6.95 -25.91 -3.14
N ARG E 108 -6.82 -27.00 -2.39
CA ARG E 108 -6.24 -26.95 -1.05
C ARG E 108 -4.72 -27.00 -1.19
N LEU E 109 -4.07 -25.89 -0.90
CA LEU E 109 -2.62 -25.77 -1.04
C LEU E 109 -1.98 -26.14 0.29
N GLU E 110 -1.37 -27.32 0.35
CA GLU E 110 -0.69 -27.81 1.53
C GLU E 110 0.82 -27.60 1.38
N ILE E 111 1.49 -27.27 2.47
CA ILE E 111 2.88 -26.86 2.46
C ILE E 111 3.73 -28.02 2.98
N LYS E 112 4.75 -28.41 2.20
CA LYS E 112 5.62 -29.54 2.53
C LYS E 112 6.79 -29.03 3.37
N ARG E 113 7.11 -29.72 4.47
CA ARG E 113 8.21 -29.31 5.34
C ARG E 113 8.92 -30.55 5.87
N THR E 114 9.95 -30.32 6.68
CA THR E 114 10.71 -31.42 7.29
C THR E 114 9.86 -32.14 8.35
N VAL E 115 10.15 -33.42 8.57
CA VAL E 115 9.34 -34.22 9.49
C VAL E 115 9.59 -33.74 10.91
N ALA E 116 8.51 -33.48 11.66
CA ALA E 116 8.58 -32.96 13.02
C ALA E 116 7.78 -33.86 13.95
N ALA E 117 8.39 -34.28 15.06
CA ALA E 117 7.65 -35.13 15.97
C ALA E 117 6.77 -34.28 16.88
N PRO E 118 5.55 -34.72 17.18
CA PRO E 118 4.70 -33.96 18.11
C PRO E 118 5.28 -33.94 19.51
N SER E 119 4.89 -32.91 20.27
CA SER E 119 4.96 -32.95 21.72
C SER E 119 3.60 -33.42 22.21
N VAL E 120 3.59 -34.45 23.05
CA VAL E 120 2.34 -35.03 23.53
C VAL E 120 2.10 -34.54 24.95
N PHE E 121 0.82 -34.36 25.30
CA PHE E 121 0.41 -33.91 26.61
C PHE E 121 -0.93 -34.55 26.93
N ILE E 122 -1.15 -34.86 28.20
CA ILE E 122 -2.35 -35.57 28.64
C ILE E 122 -2.95 -34.81 29.81
N PHE E 123 -4.26 -34.66 29.82
CA PHE E 123 -4.94 -33.80 30.76
C PHE E 123 -6.01 -34.58 31.52
N PRO E 124 -5.98 -34.57 32.84
CA PRO E 124 -7.03 -35.24 33.60
C PRO E 124 -8.30 -34.43 33.58
N PRO E 125 -9.43 -34.99 34.02
CA PRO E 125 -10.67 -34.22 34.06
C PRO E 125 -10.64 -33.13 35.11
N SER E 126 -11.41 -32.09 34.87
CA SER E 126 -11.69 -31.12 35.92
C SER E 126 -12.47 -31.81 37.03
N ASP E 127 -12.36 -31.26 38.24
CA ASP E 127 -13.23 -31.77 39.29
C ASP E 127 -14.65 -31.29 39.07
N GLU E 128 -14.80 -30.00 38.74
CA GLU E 128 -16.10 -29.44 38.48
C GLU E 128 -16.84 -30.11 37.32
N GLN E 129 -16.11 -30.81 36.43
CA GLN E 129 -16.79 -31.64 35.45
C GLN E 129 -17.27 -32.95 36.05
N LEU E 130 -16.72 -33.36 37.20
CA LEU E 130 -17.21 -34.55 37.90
C LEU E 130 -18.37 -34.25 38.84
N LYS E 131 -18.60 -32.96 39.05
CA LYS E 131 -19.80 -32.50 39.76
C LYS E 131 -20.89 -32.42 38.68
N SER E 132 -20.78 -33.25 37.64
CA SER E 132 -21.71 -33.25 36.53
C SER E 132 -22.06 -34.67 36.14
N GLY E 133 -21.13 -35.60 36.36
CA GLY E 133 -21.35 -37.01 36.11
C GLY E 133 -20.48 -37.58 35.00
N THR E 134 -20.00 -36.72 34.10
CA THR E 134 -19.16 -37.15 32.99
C THR E 134 -17.72 -36.68 33.18
N ALA E 135 -16.78 -37.49 32.67
CA ALA E 135 -15.35 -37.21 32.73
C ALA E 135 -14.77 -37.23 31.31
N SER E 136 -13.92 -36.26 31.02
CA SER E 136 -13.26 -36.15 29.72
C SER E 136 -11.75 -36.09 29.92
N VAL E 137 -11.06 -37.19 29.58
CA VAL E 137 -9.60 -37.19 29.47
C VAL E 137 -9.24 -36.62 28.09
N VAL E 138 -8.18 -35.82 28.03
CA VAL E 138 -7.83 -35.10 26.82
C VAL E 138 -6.35 -35.29 26.53
N CYS E 139 -6.04 -35.61 25.27
CA CYS E 139 -4.68 -35.80 24.80
C CYS E 139 -4.38 -34.79 23.70
N LEU E 140 -3.23 -34.12 23.78
CA LEU E 140 -2.88 -33.07 22.83
C LEU E 140 -1.58 -33.41 22.08
N LEU E 141 -1.65 -33.35 20.75
CA LEU E 141 -0.53 -33.55 19.85
C LEU E 141 -0.17 -32.20 19.24
N ASN E 142 1.02 -31.70 19.54
CA ASN E 142 1.31 -30.29 19.34
C ASN E 142 2.46 -30.10 18.36
N ASN E 143 2.18 -29.38 17.28
CA ASN E 143 3.18 -28.88 16.35
C ASN E 143 3.88 -30.03 15.64
N PHE E 144 3.12 -30.87 14.94
CA PHE E 144 3.75 -31.97 14.22
C PHE E 144 3.49 -31.88 12.71
N TYR E 145 4.31 -32.62 11.94
CA TYR E 145 4.17 -32.76 10.50
C TYR E 145 4.73 -34.09 10.05
N PRO E 146 4.03 -34.83 9.18
CA PRO E 146 2.78 -34.43 8.53
C PRO E 146 1.53 -34.81 9.32
N ARG E 147 0.33 -34.55 8.75
CA ARG E 147 -0.93 -34.72 9.45
C ARG E 147 -1.25 -36.16 9.76
N GLU E 148 -0.43 -37.12 9.34
CA GLU E 148 -0.75 -38.54 9.47
C GLU E 148 -0.26 -39.04 10.82
N ALA E 149 -1.20 -39.32 11.73
CA ALA E 149 -0.92 -39.84 13.06
C ALA E 149 -2.22 -40.39 13.66
N LYS E 150 -2.07 -41.44 14.47
CA LYS E 150 -3.21 -41.85 15.29
C LYS E 150 -2.75 -42.18 16.70
N VAL E 151 -3.69 -41.91 17.61
CA VAL E 151 -3.48 -41.97 19.05
C VAL E 151 -4.41 -43.04 19.59
N GLN E 152 -3.90 -43.84 20.51
CA GLN E 152 -4.68 -44.95 21.03
C GLN E 152 -4.89 -44.77 22.52
N TRP E 153 -6.14 -44.87 22.93
CA TRP E 153 -6.55 -44.71 24.31
C TRP E 153 -6.53 -46.06 25.03
N LYS E 154 -5.79 -46.13 26.13
CA LYS E 154 -5.68 -47.33 26.96
C LYS E 154 -6.02 -46.97 28.40
N VAL E 155 -6.91 -47.76 29.00
CA VAL E 155 -7.29 -47.60 30.41
C VAL E 155 -6.97 -48.91 31.12
N ASP E 156 -6.06 -48.85 32.09
CA ASP E 156 -5.55 -50.04 32.79
C ASP E 156 -5.02 -51.06 31.79
N ASN E 157 -4.23 -50.58 30.83
CA ASN E 157 -3.64 -51.39 29.77
C ASN E 157 -4.69 -52.03 28.85
N ALA E 158 -5.93 -51.53 28.86
CA ALA E 158 -7.03 -52.09 28.07
C ALA E 158 -7.48 -51.06 27.03
N LEU E 159 -6.99 -51.22 25.80
CA LEU E 159 -7.24 -50.28 24.72
C LEU E 159 -8.73 -50.01 24.52
N GLN E 160 -9.04 -48.77 24.13
CA GLN E 160 -10.42 -48.27 24.03
C GLN E 160 -10.80 -47.98 22.58
N SER E 161 -12.08 -48.23 22.25
CA SER E 161 -12.54 -48.20 20.86
C SER E 161 -13.59 -47.14 20.55
N GLY E 162 -14.60 -46.94 21.42
CA GLY E 162 -15.74 -46.13 21.02
C GLY E 162 -15.97 -44.82 21.74
N ASN E 163 -15.00 -44.39 22.56
CA ASN E 163 -15.13 -43.15 23.32
C ASN E 163 -14.46 -41.95 22.67
N SER E 164 -13.38 -42.16 21.92
CA SER E 164 -12.55 -41.05 21.45
C SER E 164 -13.26 -40.21 20.41
N GLN E 165 -12.95 -38.92 20.41
CA GLN E 165 -13.22 -37.99 19.32
C GLN E 165 -11.91 -37.28 18.99
N GLU E 166 -11.72 -36.93 17.71
CA GLU E 166 -10.53 -36.22 17.32
C GLU E 166 -10.88 -34.91 16.59
N SER E 167 -9.99 -33.94 16.72
CA SER E 167 -10.08 -32.67 16.05
C SER E 167 -8.66 -32.26 15.65
N VAL E 168 -8.52 -31.75 14.42
CA VAL E 168 -7.21 -31.32 13.92
C VAL E 168 -7.30 -29.85 13.58
N THR E 169 -6.20 -29.13 13.77
CA THR E 169 -6.16 -27.77 13.24
C THR E 169 -5.87 -27.81 11.75
N GLU E 170 -5.78 -26.65 11.16
CA GLU E 170 -5.28 -26.51 9.80
C GLU E 170 -3.83 -26.04 9.84
N GLN E 171 -3.13 -26.27 8.75
CA GLN E 171 -1.69 -26.05 8.69
C GLN E 171 -1.33 -24.63 9.12
N ASP E 172 -0.56 -24.50 10.19
CA ASP E 172 -0.08 -23.21 10.66
C ASP E 172 0.59 -22.43 9.54
N SER E 173 0.35 -21.11 9.50
CA SER E 173 0.91 -20.26 8.46
C SER E 173 2.37 -19.87 8.69
N LYS E 174 2.88 -20.02 9.92
CA LYS E 174 4.30 -19.74 10.20
C LYS E 174 5.10 -21.03 10.18
N ASP E 175 4.88 -21.89 11.18
CA ASP E 175 5.63 -23.15 11.31
C ASP E 175 5.30 -24.17 10.22
N SER E 176 4.08 -24.14 9.67
CA SER E 176 3.54 -25.15 8.75
C SER E 176 3.28 -26.50 9.42
N THR E 177 3.00 -26.48 10.72
CA THR E 177 2.78 -27.70 11.46
C THR E 177 1.28 -27.92 11.66
N TYR E 178 0.93 -29.09 12.18
CA TYR E 178 -0.43 -29.40 12.60
C TYR E 178 -0.43 -29.67 14.10
N SER E 179 -1.61 -29.51 14.71
CA SER E 179 -1.85 -29.95 16.08
C SER E 179 -3.20 -30.64 16.12
N LEU E 180 -3.32 -31.65 16.98
CA LEU E 180 -4.58 -32.36 17.09
C LEU E 180 -4.85 -32.70 18.55
N SER E 181 -6.14 -32.86 18.88
CA SER E 181 -6.58 -33.23 20.20
C SER E 181 -7.48 -34.44 20.10
N SER E 182 -7.50 -35.23 21.17
CA SER E 182 -8.32 -36.44 21.24
C SER E 182 -8.93 -36.50 22.63
N THR E 183 -10.25 -36.53 22.72
CA THR E 183 -10.99 -36.41 23.98
C THR E 183 -11.74 -37.72 24.25
N LEU E 184 -11.32 -38.44 25.29
CA LEU E 184 -12.04 -39.59 25.82
C LEU E 184 -13.15 -39.11 26.75
N THR E 185 -14.40 -39.46 26.46
CA THR E 185 -15.52 -38.96 27.28
C THR E 185 -16.20 -40.14 27.96
N LEU E 186 -15.97 -40.27 29.26
CA LEU E 186 -16.49 -41.34 30.10
C LEU E 186 -17.40 -40.75 31.17
N SER E 187 -17.92 -41.62 32.02
CA SER E 187 -18.77 -41.23 33.14
C SER E 187 -17.98 -41.28 34.45
N LYS E 188 -18.32 -40.38 35.37
CA LYS E 188 -17.68 -40.36 36.69
C LYS E 188 -17.60 -41.76 37.28
N ALA E 189 -18.70 -42.51 37.17
CA ALA E 189 -18.75 -43.91 37.58
C ALA E 189 -17.55 -44.70 37.04
N ASP E 190 -17.43 -44.80 35.72
CA ASP E 190 -16.39 -45.66 35.15
C ASP E 190 -15.02 -44.99 35.08
N TYR E 191 -14.95 -43.66 35.24
CA TYR E 191 -13.63 -43.01 35.35
C TYR E 191 -12.97 -43.33 36.67
N GLU E 192 -13.77 -43.44 37.75
CA GLU E 192 -13.27 -43.68 39.10
C GLU E 192 -13.07 -45.15 39.43
N LYS E 193 -13.45 -46.07 38.53
CA LYS E 193 -13.16 -47.50 38.69
C LYS E 193 -11.79 -47.90 38.16
N HIS E 194 -10.92 -46.95 37.79
CA HIS E 194 -9.69 -47.26 37.10
C HIS E 194 -8.57 -46.38 37.63
N LYS E 195 -7.32 -46.77 37.32
CA LYS E 195 -6.14 -46.13 37.90
C LYS E 195 -5.27 -45.41 36.87
N VAL E 196 -4.83 -46.09 35.81
CA VAL E 196 -3.81 -45.56 34.90
C VAL E 196 -4.45 -45.31 33.55
N TYR E 197 -4.36 -44.05 33.08
CA TYR E 197 -4.88 -43.63 31.78
C TYR E 197 -3.72 -43.28 30.86
N ALA E 198 -3.57 -44.05 29.79
CA ALA E 198 -2.47 -43.85 28.86
C ALA E 198 -2.99 -43.22 27.58
N CYS E 199 -2.10 -42.49 26.92
CA CYS E 199 -2.34 -41.97 25.58
C CYS E 199 -1.13 -42.38 24.75
N GLU E 200 -1.32 -43.33 23.86
CA GLU E 200 -0.21 -43.83 23.05
C GLU E 200 -0.35 -43.26 21.64
N VAL E 201 0.75 -42.70 21.14
CA VAL E 201 0.75 -41.88 19.93
C VAL E 201 1.83 -42.39 18.98
N THR E 202 1.41 -42.67 17.76
CA THR E 202 2.32 -43.16 16.70
C THR E 202 2.38 -42.14 15.57
N HIS E 203 3.58 -41.77 15.15
CA HIS E 203 3.74 -40.77 14.07
C HIS E 203 5.04 -41.15 13.39
N GLN E 204 5.22 -40.63 12.17
CA GLN E 204 6.37 -40.79 11.24
C GLN E 204 7.64 -40.19 11.82
N GLY E 205 7.59 -39.50 12.94
CA GLY E 205 8.82 -38.88 13.43
C GLY E 205 9.37 -39.56 14.65
N LEU E 206 8.93 -40.81 14.87
CA LEU E 206 9.35 -41.73 15.96
C LEU E 206 9.40 -43.17 15.45
N SER E 207 10.30 -44.03 15.93
CA SER E 207 10.21 -45.48 15.74
C SER E 207 9.43 -46.12 16.88
N SER E 208 9.73 -45.72 18.11
CA SER E 208 8.99 -46.07 19.32
C SER E 208 7.86 -45.06 19.49
N PRO E 209 6.62 -45.54 19.54
CA PRO E 209 5.50 -44.63 19.83
C PRO E 209 5.60 -44.08 21.24
N VAL E 210 5.27 -42.79 21.38
CA VAL E 210 5.33 -42.12 22.68
C VAL E 210 4.07 -42.45 23.46
N THR E 211 4.22 -42.54 24.79
CA THR E 211 3.11 -42.85 25.68
C THR E 211 3.14 -41.92 26.88
N LYS E 212 2.08 -41.14 27.05
CA LYS E 212 1.94 -40.28 28.20
C LYS E 212 0.80 -40.80 29.06
N SER E 213 0.99 -40.71 30.38
CA SER E 213 0.06 -41.33 31.31
C SER E 213 0.03 -40.52 32.61
N PHE E 214 -1.10 -40.66 33.31
CA PHE E 214 -1.29 -40.15 34.66
C PHE E 214 -2.05 -41.21 35.44
N ASN E 215 -1.76 -41.35 36.74
CA ASN E 215 -2.51 -42.22 37.63
C ASN E 215 -3.50 -41.38 38.43
N ARG E 216 -4.69 -41.90 38.62
CA ARG E 216 -5.69 -41.20 39.41
C ARG E 216 -5.37 -41.27 40.91
#